data_6J2E
#
_entry.id   6J2E
#
_cell.length_a   100.740
_cell.length_b   102.596
_cell.length_c   177.625
_cell.angle_alpha   90.00
_cell.angle_beta   90.00
_cell.angle_gamma   90.00
#
_symmetry.space_group_name_H-M   'C 2 2 21'
#
loop_
_entity.id
_entity.type
_entity.pdbx_description
1 polymer 'MHC class I antigen'
2 polymer Beta-2-microglobulin
3 polymer EBOV-NP1
4 water water
#
loop_
_entity_poly.entity_id
_entity_poly.type
_entity_poly.pdbx_seq_one_letter_code
_entity_poly.pdbx_strand_id
1 'polypeptide(L)'
;GFHSLRYFYTAWSRPGSGEPRFVAVGYVDDTQFVRFDSDNASPRAEPRAPWMDLVEQQDPQYWDRNTRNARDAAQTYRVG
LDNVRGYYNQSEAGSHTIQRMYGCDVGPHGRLLRGYDQLAYDGADYIALNEDLRSWTAADLAAQNTRRKWEEAGYAERDR
AYLEGECVEWLLKHLENGRETLLRADPPKTHITHHPISDREVTLRCWALGFYPEEITLTWQHDGEDQTQEMELVETRPDG
NGAFQKWAALVVPSGEEQRYTCHVQHEGLPQPLTLRW
;
A,D
2 'polypeptide(L)'
;IQRTPKIQVYSRHPAENGKSNFLNCYVSGFHPSDIEVDLLKNGERIEKVEHSDLSFSKDWSFYLLYYTEFTPTEKDEYAC
RVNHVTLSQPKIVKWDRDM
;
B,E
3 'polypeptide(L)' DFQESADSFL C,F
#
# COMPACT_ATOMS: atom_id res chain seq x y z
N GLY A 1 11.02 -7.17 -36.18
CA GLY A 1 9.78 -7.80 -35.77
C GLY A 1 8.72 -6.81 -35.38
N PHE A 2 8.11 -7.03 -34.22
CA PHE A 2 7.07 -6.15 -33.72
C PHE A 2 7.66 -4.87 -33.11
N HIS A 3 6.86 -3.82 -33.06
CA HIS A 3 7.30 -2.55 -32.50
C HIS A 3 6.13 -1.62 -32.28
N SER A 4 6.41 -0.52 -31.60
CA SER A 4 5.38 0.43 -31.21
C SER A 4 5.89 1.87 -31.28
N LEU A 5 5.01 2.76 -31.71
CA LEU A 5 5.20 4.20 -31.60
C LEU A 5 4.18 4.69 -30.59
N ARG A 6 4.63 5.43 -29.58
CA ARG A 6 3.74 5.83 -28.51
C ARG A 6 4.04 7.24 -28.07
N TYR A 7 2.97 8.03 -27.90
CA TYR A 7 3.06 9.40 -27.45
C TYR A 7 2.40 9.53 -26.09
N PHE A 8 3.03 10.31 -25.20
CA PHE A 8 2.56 10.49 -23.84
C PHE A 8 2.41 11.98 -23.58
N TYR A 9 1.19 12.41 -23.27
CA TYR A 9 0.90 13.79 -22.91
C TYR A 9 0.61 13.87 -21.43
N THR A 10 1.23 14.83 -20.73
CA THR A 10 0.81 15.18 -19.38
C THR A 10 0.50 16.66 -19.30
N ALA A 11 -0.71 17.01 -18.87
CA ALA A 11 -1.10 18.40 -18.67
C ALA A 11 -1.62 18.59 -17.25
N TRP A 12 -1.16 19.64 -16.57
CA TRP A 12 -1.64 19.81 -15.21
C TRP A 12 -1.71 21.27 -14.82
N SER A 13 -2.69 21.61 -13.99
CA SER A 13 -2.86 22.98 -13.52
C SER A 13 -1.97 23.25 -12.31
N ARG A 14 -1.61 24.52 -12.15
CA ARG A 14 -0.71 24.96 -11.09
C ARG A 14 -1.32 26.20 -10.43
N PRO A 15 -2.44 26.03 -9.71
CA PRO A 15 -3.20 27.21 -9.25
C PRO A 15 -2.36 28.10 -8.35
N GLY A 16 -2.29 29.37 -8.71
CA GLY A 16 -1.44 30.35 -8.05
C GLY A 16 -0.02 30.39 -8.58
N SER A 17 0.59 29.23 -8.77
CA SER A 17 2.00 29.13 -9.12
C SER A 17 2.26 29.21 -10.61
N GLY A 18 1.26 29.58 -11.41
CA GLY A 18 1.46 29.83 -12.82
C GLY A 18 0.37 29.20 -13.67
N GLU A 19 0.54 29.35 -14.98
CA GLU A 19 -0.37 28.76 -15.95
C GLU A 19 -0.22 27.23 -15.96
N PRO A 20 -1.18 26.51 -16.55
CA PRO A 20 -1.02 25.06 -16.67
C PRO A 20 0.22 24.71 -17.49
N ARG A 21 0.75 23.52 -17.25
CA ARG A 21 1.91 23.03 -17.97
C ARG A 21 1.55 21.80 -18.78
N PHE A 22 2.22 21.65 -19.93
CA PHE A 22 1.98 20.55 -20.84
C PHE A 22 3.32 19.98 -21.26
N VAL A 23 3.54 18.69 -20.99
CA VAL A 23 4.77 18.01 -21.35
C VAL A 23 4.41 16.79 -22.19
N ALA A 24 5.05 16.65 -23.33
CA ALA A 24 4.79 15.52 -24.21
C ALA A 24 6.12 14.85 -24.53
N VAL A 25 6.09 13.52 -24.61
CA VAL A 25 7.24 12.74 -25.07
C VAL A 25 6.75 11.67 -26.01
N GLY A 26 7.63 11.24 -26.91
CA GLY A 26 7.34 10.11 -27.79
C GLY A 26 8.40 9.03 -27.63
N TYR A 27 7.97 7.79 -27.70
CA TYR A 27 8.86 6.64 -27.65
C TYR A 27 8.68 5.78 -28.88
N VAL A 28 9.78 5.24 -29.38
CA VAL A 28 9.73 4.05 -30.21
C VAL A 28 10.22 2.91 -29.34
N ASP A 29 9.36 1.92 -29.13
CA ASP A 29 9.65 0.83 -28.19
C ASP A 29 10.05 1.40 -26.83
N ASP A 30 11.25 1.05 -26.32
CA ASP A 30 11.69 1.57 -25.04
C ASP A 30 12.63 2.79 -25.19
N THR A 31 12.69 3.43 -26.35
CA THR A 31 13.61 4.55 -26.57
C THR A 31 12.85 5.83 -26.80
N GLN A 32 13.12 6.85 -25.98
CA GLN A 32 12.51 8.15 -26.14
C GLN A 32 13.22 8.89 -27.28
N PHE A 33 12.44 9.53 -28.15
CA PHE A 33 13.04 10.22 -29.29
C PHE A 33 12.63 11.66 -29.45
N VAL A 34 11.63 12.15 -28.71
CA VAL A 34 11.16 13.52 -28.87
C VAL A 34 10.56 13.98 -27.54
N ARG A 35 10.64 15.29 -27.31
CA ARG A 35 9.98 15.91 -26.18
C ARG A 35 9.41 17.26 -26.59
N PHE A 36 8.46 17.74 -25.80
CA PHE A 36 7.96 19.10 -25.92
C PHE A 36 7.53 19.58 -24.55
N ASP A 37 7.97 20.79 -24.16
CA ASP A 37 7.69 21.35 -22.83
C ASP A 37 7.12 22.75 -23.01
N SER A 38 5.87 22.97 -22.59
CA SER A 38 5.23 24.27 -22.75
C SER A 38 5.81 25.34 -21.86
N ASP A 39 6.65 25.00 -20.89
CA ASP A 39 7.26 26.03 -20.05
C ASP A 39 8.45 26.70 -20.70
N ASN A 40 8.80 26.37 -21.94
CA ASN A 40 9.87 27.11 -22.59
C ASN A 40 9.35 28.44 -23.13
N ALA A 41 10.29 29.36 -23.36
CA ALA A 41 9.93 30.71 -23.82
C ALA A 41 9.12 30.65 -25.11
N SER A 42 9.71 30.12 -26.17
CA SER A 42 8.98 29.78 -27.38
C SER A 42 9.13 28.28 -27.57
N PRO A 43 8.14 27.49 -27.14
CA PRO A 43 8.35 26.03 -27.04
C PRO A 43 8.44 25.39 -28.42
N ARG A 44 9.41 24.51 -28.58
CA ARG A 44 9.56 23.75 -29.82
C ARG A 44 9.67 22.27 -29.49
N ALA A 45 9.25 21.43 -30.44
CA ALA A 45 9.55 20.00 -30.33
C ALA A 45 11.05 19.79 -30.51
N GLU A 46 11.61 18.89 -29.71
CA GLU A 46 13.04 18.71 -29.61
C GLU A 46 13.43 17.24 -29.71
N PRO A 47 14.51 16.94 -30.44
CA PRO A 47 14.96 15.54 -30.56
C PRO A 47 15.60 15.02 -29.29
N ARG A 48 15.40 13.74 -29.00
CA ARG A 48 16.01 13.15 -27.81
C ARG A 48 16.64 11.79 -28.08
N ALA A 49 16.86 11.45 -29.34
CA ALA A 49 17.54 10.23 -29.76
C ALA A 49 18.55 10.59 -30.83
N PRO A 50 19.65 9.83 -30.95
CA PRO A 50 20.68 10.21 -31.93
C PRO A 50 20.19 10.24 -33.37
N TRP A 51 19.32 9.30 -33.76
CA TRP A 51 18.87 9.28 -35.15
C TRP A 51 17.95 10.45 -35.50
N MET A 52 17.35 11.10 -34.50
CA MET A 52 16.55 12.29 -34.79
C MET A 52 17.46 13.49 -35.00
N ASP A 53 18.38 13.71 -34.05
CA ASP A 53 19.28 14.86 -34.06
C ASP A 53 20.06 14.98 -35.35
N LEU A 54 20.10 13.92 -36.16
CA LEU A 54 21.07 13.86 -37.25
C LEU A 54 20.51 13.28 -38.54
N VAL A 55 19.21 13.00 -38.63
CA VAL A 55 18.66 12.43 -39.86
C VAL A 55 17.31 13.08 -40.17
N GLU A 56 17.16 14.36 -39.88
CA GLU A 56 16.02 15.12 -40.35
C GLU A 56 16.23 15.71 -41.73
N GLN A 57 17.32 15.31 -42.39
CA GLN A 57 17.47 15.51 -43.83
C GLN A 57 16.37 14.81 -44.59
N GLN A 58 15.83 13.72 -44.04
CA GLN A 58 14.73 13.01 -44.70
C GLN A 58 13.53 13.91 -44.89
N ASP A 59 13.25 14.77 -43.91
CA ASP A 59 12.03 15.56 -43.89
C ASP A 59 12.38 16.90 -43.26
N PRO A 60 12.76 17.88 -44.08
CA PRO A 60 13.19 19.17 -43.53
C PRO A 60 12.06 19.96 -42.89
N GLN A 61 10.82 19.52 -43.01
CA GLN A 61 9.68 20.17 -42.36
C GLN A 61 9.27 19.47 -41.04
N TYR A 62 9.98 18.41 -40.62
CA TYR A 62 9.56 17.67 -39.43
C TYR A 62 9.36 18.57 -38.22
N TRP A 63 10.38 19.37 -37.87
CA TRP A 63 10.33 20.12 -36.64
C TRP A 63 9.29 21.23 -36.67
N ASP A 64 9.16 21.92 -37.82
CA ASP A 64 8.09 22.91 -37.98
C ASP A 64 6.72 22.30 -37.72
N ARG A 65 6.41 21.22 -38.40
CA ARG A 65 5.15 20.52 -38.25
C ARG A 65 4.90 19.97 -36.82
N ASN A 66 5.92 19.43 -36.22
CA ASN A 66 5.68 18.82 -34.91
C ASN A 66 5.63 19.87 -33.80
N THR A 67 6.37 20.97 -33.96
CA THR A 67 6.23 22.07 -33.02
C THR A 67 4.83 22.66 -33.10
N ARG A 68 4.36 22.89 -34.33
CA ARG A 68 2.99 23.37 -34.48
C ARG A 68 1.98 22.43 -33.84
N ASN A 69 2.11 21.11 -34.10
CA ASN A 69 1.15 20.15 -33.55
C ASN A 69 1.20 20.09 -32.02
N ALA A 70 2.40 20.10 -31.45
CA ALA A 70 2.49 20.03 -29.99
C ALA A 70 1.96 21.31 -29.35
N ARG A 71 2.20 22.46 -30.00
CA ARG A 71 1.64 23.73 -29.52
C ARG A 71 0.11 23.69 -29.50
N ASP A 72 -0.50 23.21 -30.58
CA ASP A 72 -1.96 23.08 -30.60
C ASP A 72 -2.43 22.08 -29.54
N ALA A 73 -1.72 20.97 -29.39
CA ALA A 73 -2.09 20.00 -28.37
C ALA A 73 -2.02 20.64 -26.98
N ALA A 74 -0.94 21.38 -26.71
CA ALA A 74 -0.81 22.08 -25.44
C ALA A 74 -2.01 22.98 -25.16
N GLN A 75 -2.47 23.71 -26.18
CA GLN A 75 -3.63 24.57 -26.00
C GLN A 75 -4.90 23.76 -25.74
N THR A 76 -5.09 22.67 -26.46
CA THR A 76 -6.28 21.83 -26.29
C THR A 76 -6.43 21.34 -24.85
N TYR A 77 -5.36 20.78 -24.27
CA TYR A 77 -5.45 20.19 -22.95
C TYR A 77 -5.47 21.24 -21.85
N ARG A 78 -4.89 22.42 -22.09
CA ARG A 78 -5.09 23.53 -21.18
C ARG A 78 -6.58 23.89 -21.08
N VAL A 79 -7.23 24.05 -22.23
CA VAL A 79 -8.69 24.18 -22.24
C VAL A 79 -9.34 22.98 -21.56
N GLY A 80 -8.85 21.78 -21.88
CA GLY A 80 -9.49 20.58 -21.36
C GLY A 80 -9.50 20.54 -19.85
N LEU A 81 -8.42 20.98 -19.21
CA LEU A 81 -8.36 21.00 -17.75
C LEU A 81 -9.51 21.80 -17.16
N ASP A 82 -9.90 22.91 -17.80
CA ASP A 82 -10.98 23.71 -17.24
C ASP A 82 -12.32 23.03 -17.47
N ASN A 83 -12.55 22.54 -18.70
CA ASN A 83 -13.75 21.79 -18.99
C ASN A 83 -13.92 20.62 -18.02
N VAL A 84 -12.86 19.84 -17.81
CA VAL A 84 -13.02 18.64 -16.99
C VAL A 84 -13.22 19.01 -15.53
N ARG A 85 -12.45 19.96 -15.00
CA ARG A 85 -12.66 20.37 -13.61
C ARG A 85 -14.10 20.83 -13.39
N GLY A 86 -14.70 21.49 -14.40
CA GLY A 86 -16.09 21.89 -14.28
C GLY A 86 -17.06 20.73 -14.31
N TYR A 87 -16.75 19.66 -15.07
CA TYR A 87 -17.64 18.50 -15.05
C TYR A 87 -17.77 17.93 -13.66
N TYR A 88 -16.67 17.93 -12.89
CA TYR A 88 -16.69 17.46 -11.51
C TYR A 88 -17.04 18.56 -10.52
N ASN A 89 -17.16 19.81 -10.99
CA ASN A 89 -17.30 20.96 -10.11
C ASN A 89 -16.26 20.90 -9.00
N GLN A 90 -15.01 20.71 -9.40
CA GLN A 90 -13.91 20.77 -8.46
C GLN A 90 -13.48 22.22 -8.27
N SER A 91 -12.97 22.51 -7.08
CA SER A 91 -12.57 23.87 -6.78
C SER A 91 -11.39 24.27 -7.65
N GLU A 92 -11.32 25.56 -7.98
CA GLU A 92 -10.22 26.00 -8.83
C GLU A 92 -8.90 26.09 -8.06
N ALA A 93 -8.91 25.91 -6.74
CA ALA A 93 -7.67 26.03 -5.99
C ALA A 93 -6.86 24.74 -5.94
N GLY A 94 -7.39 23.62 -6.44
CA GLY A 94 -6.66 22.36 -6.45
C GLY A 94 -6.01 22.09 -7.80
N SER A 95 -4.88 21.39 -7.77
CA SER A 95 -4.16 21.03 -8.98
C SER A 95 -4.72 19.73 -9.55
N HIS A 96 -4.85 19.67 -10.88
CA HIS A 96 -5.42 18.51 -11.52
C HIS A 96 -4.64 18.16 -12.77
N THR A 97 -4.75 16.90 -13.19
CA THR A 97 -3.90 16.35 -14.23
C THR A 97 -4.71 15.62 -15.28
N ILE A 98 -4.44 15.91 -16.56
CA ILE A 98 -4.93 15.09 -17.65
C ILE A 98 -3.72 14.40 -18.26
N GLN A 99 -3.86 13.10 -18.54
CA GLN A 99 -2.83 12.38 -19.29
C GLN A 99 -3.46 11.74 -20.51
N ARG A 100 -2.65 11.59 -21.55
CA ARG A 100 -3.08 10.86 -22.73
C ARG A 100 -1.93 9.98 -23.17
N MET A 101 -2.24 8.75 -23.59
CA MET A 101 -1.27 7.89 -24.25
C MET A 101 -1.95 7.37 -25.51
N TYR A 102 -1.33 7.59 -26.66
CA TYR A 102 -1.84 7.06 -27.92
C TYR A 102 -0.67 6.57 -28.75
N GLY A 103 -0.97 5.74 -29.74
CA GLY A 103 0.07 5.20 -30.61
C GLY A 103 -0.37 3.90 -31.25
N CYS A 104 0.62 3.17 -31.77
CA CYS A 104 0.33 2.02 -32.61
C CYS A 104 1.36 0.93 -32.40
N ASP A 105 0.90 -0.33 -32.41
CA ASP A 105 1.74 -1.51 -32.47
C ASP A 105 1.74 -2.02 -33.92
N VAL A 106 2.93 -2.24 -34.47
CA VAL A 106 3.08 -2.81 -35.80
C VAL A 106 3.63 -4.22 -35.66
N GLY A 107 3.23 -5.09 -36.60
CA GLY A 107 3.73 -6.46 -36.66
C GLY A 107 4.89 -6.59 -37.63
N PRO A 108 5.44 -7.82 -37.76
CA PRO A 108 6.65 -7.98 -38.58
C PRO A 108 6.41 -7.74 -40.06
N HIS A 109 5.18 -7.85 -40.54
CA HIS A 109 4.80 -7.49 -41.90
C HIS A 109 4.73 -5.99 -42.13
N GLY A 110 4.93 -5.16 -41.10
CA GLY A 110 4.79 -3.72 -41.24
C GLY A 110 3.37 -3.20 -41.32
N ARG A 111 2.39 -3.96 -40.82
CA ARG A 111 1.01 -3.52 -40.79
C ARG A 111 0.53 -3.36 -39.35
N LEU A 112 -0.50 -2.54 -39.18
CA LEU A 112 -1.04 -2.27 -37.85
C LEU A 112 -1.52 -3.54 -37.17
N LEU A 113 -1.04 -3.76 -35.94
CA LEU A 113 -1.58 -4.82 -35.10
C LEU A 113 -2.69 -4.30 -34.21
N ARG A 114 -2.49 -3.12 -33.61
CA ARG A 114 -3.52 -2.48 -32.80
C ARG A 114 -3.16 -1.00 -32.61
N GLY A 115 -4.20 -0.16 -32.58
CA GLY A 115 -4.06 1.25 -32.32
C GLY A 115 -4.76 1.55 -31.02
N TYR A 116 -4.32 2.60 -30.33
CA TYR A 116 -4.92 2.88 -29.03
C TYR A 116 -4.82 4.36 -28.75
N ASP A 117 -5.73 4.82 -27.89
CA ASP A 117 -5.79 6.21 -27.45
C ASP A 117 -6.55 6.18 -26.14
N GLN A 118 -5.85 6.47 -25.04
CA GLN A 118 -6.42 6.38 -23.70
C GLN A 118 -6.10 7.64 -22.94
N LEU A 119 -7.05 8.08 -22.11
CA LEU A 119 -6.90 9.27 -21.29
C LEU A 119 -7.18 8.94 -19.83
N ALA A 120 -6.49 9.66 -18.96
CA ALA A 120 -6.69 9.58 -17.51
C ALA A 120 -6.91 10.98 -16.96
N TYR A 121 -7.68 11.06 -15.88
CA TYR A 121 -7.83 12.31 -15.14
C TYR A 121 -7.45 12.05 -13.70
N ASP A 122 -6.48 12.82 -13.20
CA ASP A 122 -5.98 12.63 -11.84
C ASP A 122 -5.57 11.17 -11.58
N GLY A 123 -4.93 10.57 -12.58
CA GLY A 123 -4.36 9.25 -12.39
C GLY A 123 -5.33 8.09 -12.52
N ALA A 124 -6.57 8.31 -12.91
CA ALA A 124 -7.51 7.21 -13.13
C ALA A 124 -8.09 7.29 -14.55
N ASP A 125 -8.37 6.13 -15.13
CA ASP A 125 -9.05 6.02 -16.41
C ASP A 125 -10.18 7.06 -16.52
N TYR A 126 -10.15 7.81 -17.61
CA TYR A 126 -11.19 8.81 -17.87
C TYR A 126 -11.98 8.45 -19.11
N ILE A 127 -11.32 8.33 -20.27
CA ILE A 127 -11.99 7.87 -21.48
C ILE A 127 -10.97 7.21 -22.39
N ALA A 128 -11.43 6.23 -23.17
CA ALA A 128 -10.54 5.49 -24.05
C ALA A 128 -11.24 5.12 -25.35
N LEU A 129 -10.52 5.24 -26.46
CA LEU A 129 -10.99 4.73 -27.73
C LEU A 129 -11.10 3.21 -27.66
N ASN A 130 -12.24 2.66 -28.06
CA ASN A 130 -12.41 1.22 -28.05
C ASN A 130 -11.58 0.55 -29.16
N GLU A 131 -11.46 -0.78 -29.08
CA GLU A 131 -10.64 -1.50 -30.04
C GLU A 131 -11.22 -1.48 -31.45
N ASP A 132 -12.52 -1.21 -31.62
CA ASP A 132 -13.00 -1.01 -32.99
C ASP A 132 -12.50 0.29 -33.62
N LEU A 133 -11.81 1.15 -32.85
CA LEU A 133 -11.35 2.48 -33.29
C LEU A 133 -12.51 3.35 -33.78
N ARG A 134 -13.65 3.20 -33.17
CA ARG A 134 -14.89 3.78 -33.67
C ARG A 134 -15.77 4.37 -32.58
N SER A 135 -15.69 3.87 -31.35
CA SER A 135 -16.51 4.30 -30.23
C SER A 135 -15.60 4.50 -29.01
N TRP A 136 -16.15 5.08 -27.95
CA TRP A 136 -15.38 5.42 -26.76
C TRP A 136 -15.99 4.76 -25.53
N THR A 137 -15.11 4.38 -24.59
CA THR A 137 -15.53 3.96 -23.25
C THR A 137 -15.24 5.10 -22.27
N ALA A 138 -16.29 5.64 -21.65
CA ALA A 138 -16.20 6.67 -20.63
C ALA A 138 -16.31 6.04 -19.25
N ALA A 139 -15.38 6.41 -18.35
CA ALA A 139 -15.25 5.68 -17.08
C ALA A 139 -16.22 6.14 -16.02
N ASP A 140 -16.81 7.32 -16.15
CA ASP A 140 -17.73 7.85 -15.14
C ASP A 140 -18.66 8.86 -15.81
N LEU A 141 -19.49 9.52 -15.00
CA LEU A 141 -20.52 10.41 -15.54
C LEU A 141 -19.90 11.61 -16.23
N ALA A 142 -18.87 12.20 -15.61
CA ALA A 142 -18.22 13.37 -16.21
C ALA A 142 -17.64 13.04 -17.57
N ALA A 143 -16.99 11.89 -17.70
CA ALA A 143 -16.35 11.54 -18.95
C ALA A 143 -17.35 11.36 -20.09
N GLN A 144 -18.61 11.07 -19.75
CA GLN A 144 -19.62 11.00 -20.80
C GLN A 144 -19.84 12.36 -21.47
N ASN A 145 -19.62 13.46 -20.73
CA ASN A 145 -19.59 14.77 -21.37
C ASN A 145 -18.58 14.79 -22.51
N THR A 146 -17.34 14.37 -22.21
CA THR A 146 -16.31 14.37 -23.24
C THR A 146 -16.69 13.44 -24.39
N ARG A 147 -17.26 12.28 -24.06
CA ARG A 147 -17.61 11.34 -25.12
C ARG A 147 -18.63 11.94 -26.08
N ARG A 148 -19.68 12.57 -25.55
CA ARG A 148 -20.71 13.15 -26.41
C ARG A 148 -20.12 14.24 -27.29
N LYS A 149 -19.29 15.10 -26.71
CA LYS A 149 -18.55 16.08 -27.50
C LYS A 149 -17.75 15.38 -28.60
N TRP A 150 -17.10 14.28 -28.26
CA TRP A 150 -16.22 13.63 -29.22
C TRP A 150 -17.04 12.89 -30.27
N GLU A 151 -18.18 12.32 -29.89
CA GLU A 151 -19.07 11.73 -30.88
C GLU A 151 -19.58 12.78 -31.85
N GLU A 152 -19.94 13.96 -31.34
CA GLU A 152 -20.49 15.01 -32.19
C GLU A 152 -19.45 15.52 -33.17
N ALA A 153 -18.20 15.69 -32.73
CA ALA A 153 -17.17 16.19 -33.62
C ALA A 153 -16.64 15.12 -34.55
N GLY A 154 -17.15 13.89 -34.46
CA GLY A 154 -16.63 12.83 -35.31
C GLY A 154 -15.17 12.52 -35.05
N TYR A 155 -14.71 12.68 -33.81
CA TYR A 155 -13.29 12.63 -33.52
C TYR A 155 -12.70 11.22 -33.54
N ALA A 156 -13.49 10.18 -33.29
CA ALA A 156 -12.95 8.82 -33.43
C ALA A 156 -12.44 8.57 -34.85
N GLU A 157 -13.09 9.15 -35.86
CA GLU A 157 -12.64 8.93 -37.24
C GLU A 157 -11.27 9.54 -37.48
N ARG A 158 -11.06 10.74 -36.95
CA ARG A 158 -9.77 11.42 -37.10
C ARG A 158 -8.69 10.66 -36.33
N ASP A 159 -8.99 10.32 -35.07
CA ASP A 159 -8.09 9.50 -34.27
C ASP A 159 -7.62 8.30 -35.06
N ARG A 160 -8.56 7.61 -35.65
CA ARG A 160 -8.28 6.36 -36.30
C ARG A 160 -7.57 6.52 -37.64
N ALA A 161 -7.92 7.53 -38.43
CA ALA A 161 -7.14 7.79 -39.64
C ALA A 161 -5.68 8.00 -39.29
N TYR A 162 -5.40 8.67 -38.16
CA TYR A 162 -4.03 8.88 -37.75
C TYR A 162 -3.35 7.56 -37.36
N LEU A 163 -4.07 6.72 -36.62
CA LEU A 163 -3.50 5.49 -36.06
C LEU A 163 -3.22 4.46 -37.16
N GLU A 164 -4.13 4.31 -38.12
CA GLU A 164 -3.88 3.40 -39.23
C GLU A 164 -2.95 3.99 -40.29
N GLY A 165 -2.78 5.32 -40.31
CA GLY A 165 -1.97 5.97 -41.32
C GLY A 165 -0.64 6.55 -40.86
N GLU A 166 -0.66 7.78 -40.37
CA GLU A 166 0.58 8.48 -40.05
C GLU A 166 1.37 7.75 -38.96
N CYS A 167 0.69 7.24 -37.94
CA CYS A 167 1.37 6.50 -36.87
C CYS A 167 2.16 5.33 -37.44
N VAL A 168 1.51 4.50 -38.25
CA VAL A 168 2.20 3.34 -38.83
C VAL A 168 3.36 3.81 -39.71
N GLU A 169 3.12 4.83 -40.56
CA GLU A 169 4.16 5.23 -41.50
C GLU A 169 5.35 5.82 -40.78
N TRP A 170 5.10 6.53 -39.69
CA TRP A 170 6.21 7.13 -38.94
C TRP A 170 6.95 6.11 -38.08
N LEU A 171 6.24 5.16 -37.47
CA LEU A 171 6.94 4.06 -36.83
C LEU A 171 7.91 3.39 -37.79
N LEU A 172 7.45 3.08 -39.00
CA LEU A 172 8.34 2.41 -39.95
C LEU A 172 9.50 3.29 -40.38
N LYS A 173 9.29 4.62 -40.46
CA LYS A 173 10.37 5.53 -40.80
C LYS A 173 11.40 5.59 -39.68
N HIS A 174 10.94 5.71 -38.44
CA HIS A 174 11.85 5.77 -37.31
C HIS A 174 12.67 4.50 -37.20
N LEU A 175 12.05 3.35 -37.45
CA LEU A 175 12.78 2.08 -37.31
C LEU A 175 13.91 2.00 -38.32
N GLU A 176 13.66 2.45 -39.55
CA GLU A 176 14.74 2.49 -40.55
C GLU A 176 15.80 3.49 -40.14
N ASN A 177 15.41 4.74 -39.90
CA ASN A 177 16.39 5.76 -39.56
C ASN A 177 17.10 5.44 -38.25
N GLY A 178 16.37 4.90 -37.27
CA GLY A 178 17.01 4.59 -36.00
C GLY A 178 17.41 3.14 -35.80
N ARG A 179 17.64 2.42 -36.91
CA ARG A 179 17.89 0.97 -36.85
C ARG A 179 19.05 0.63 -35.92
N GLU A 180 20.11 1.44 -35.92
CA GLU A 180 21.26 1.16 -35.06
C GLU A 180 20.86 1.16 -33.58
N THR A 181 19.89 1.99 -33.21
CA THR A 181 19.46 2.08 -31.84
C THR A 181 18.32 1.12 -31.55
N LEU A 182 17.30 1.10 -32.42
CA LEU A 182 16.05 0.44 -32.08
C LEU A 182 16.09 -1.06 -32.35
N LEU A 183 16.81 -1.49 -33.37
CA LEU A 183 16.85 -2.91 -33.72
C LEU A 183 18.03 -3.61 -33.10
N ARG A 184 18.76 -2.95 -32.23
CA ARG A 184 19.72 -3.67 -31.43
C ARG A 184 18.97 -4.49 -30.39
N ALA A 185 19.56 -5.60 -30.02
CA ALA A 185 19.11 -6.40 -28.90
C ALA A 185 20.38 -6.65 -28.12
N ASP A 186 20.74 -5.67 -27.27
CA ASP A 186 21.94 -5.72 -26.44
C ASP A 186 21.67 -6.65 -25.26
N PRO A 187 22.32 -7.81 -25.19
CA PRO A 187 22.11 -8.70 -24.01
C PRO A 187 22.72 -8.10 -22.77
N PRO A 188 22.25 -8.47 -21.58
CA PRO A 188 22.80 -7.91 -20.35
C PRO A 188 24.22 -8.37 -20.13
N LYS A 189 25.00 -7.50 -19.49
CA LYS A 189 26.22 -7.93 -18.83
C LYS A 189 25.84 -8.44 -17.46
N THR A 190 26.20 -9.68 -17.13
CA THR A 190 25.74 -10.32 -15.90
C THR A 190 26.91 -10.74 -15.02
N HIS A 191 26.70 -10.62 -13.71
CA HIS A 191 27.62 -11.13 -12.70
C HIS A 191 26.84 -11.25 -11.40
N ILE A 192 27.39 -12.07 -10.50
CA ILE A 192 26.89 -12.21 -9.13
C ILE A 192 27.83 -11.48 -8.20
N THR A 193 27.29 -10.78 -7.21
CA THR A 193 28.09 -10.26 -6.11
C THR A 193 27.62 -10.87 -4.81
N HIS A 194 28.45 -10.71 -3.79
CA HIS A 194 28.44 -11.54 -2.59
C HIS A 194 28.75 -10.65 -1.40
N HIS A 195 27.81 -10.54 -0.47
CA HIS A 195 27.86 -9.56 0.61
C HIS A 195 27.53 -10.25 1.92
N PRO A 196 28.54 -10.58 2.74
CA PRO A 196 28.26 -11.24 4.02
C PRO A 196 27.40 -10.38 4.92
N ILE A 197 26.44 -11.02 5.57
CA ILE A 197 25.63 -10.35 6.60
C ILE A 197 26.25 -10.63 7.97
N SER A 198 26.37 -11.91 8.32
CA SER A 198 27.00 -12.33 9.56
C SER A 198 27.98 -13.46 9.30
N ASP A 199 28.40 -14.17 10.35
CA ASP A 199 29.17 -15.38 10.16
C ASP A 199 28.33 -16.48 9.52
N ARG A 200 27.00 -16.37 9.61
CA ARG A 200 26.07 -17.44 9.25
C ARG A 200 25.28 -17.19 7.97
N GLU A 201 25.27 -15.96 7.44
CA GLU A 201 24.44 -15.66 6.29
C GLU A 201 25.17 -14.72 5.33
N VAL A 202 24.79 -14.80 4.05
CA VAL A 202 25.35 -13.94 3.02
C VAL A 202 24.28 -13.60 2.00
N THR A 203 24.35 -12.38 1.46
CA THR A 203 23.48 -11.98 0.37
C THR A 203 24.18 -12.27 -0.95
N LEU A 204 23.49 -12.99 -1.83
CA LEU A 204 23.91 -13.14 -3.21
C LEU A 204 23.05 -12.21 -4.05
N ARG A 205 23.68 -11.47 -4.96
CA ARG A 205 22.96 -10.50 -5.79
C ARG A 205 23.33 -10.74 -7.24
N CYS A 206 22.35 -11.11 -8.03
CA CYS A 206 22.57 -11.38 -9.45
C CYS A 206 22.24 -10.12 -10.24
N TRP A 207 23.18 -9.67 -11.06
CA TRP A 207 23.11 -8.38 -11.76
C TRP A 207 22.92 -8.57 -13.26
N ALA A 208 22.00 -7.81 -13.83
CA ALA A 208 21.88 -7.64 -15.27
C ALA A 208 22.03 -6.15 -15.59
N LEU A 209 22.98 -5.81 -16.47
CA LEU A 209 23.39 -4.43 -16.71
C LEU A 209 23.48 -4.14 -18.20
N GLY A 210 23.10 -2.93 -18.59
CA GLY A 210 23.32 -2.47 -19.95
C GLY A 210 22.43 -3.10 -21.01
N PHE A 211 21.28 -3.64 -20.65
CA PHE A 211 20.54 -4.39 -21.66
C PHE A 211 19.45 -3.53 -22.30
N TYR A 212 19.07 -3.90 -23.51
CA TYR A 212 17.97 -3.31 -24.26
C TYR A 212 17.43 -4.35 -25.23
N PRO A 213 16.09 -4.53 -25.33
CA PRO A 213 15.03 -3.79 -24.66
C PRO A 213 14.86 -4.11 -23.16
N GLU A 214 13.87 -3.44 -22.56
CA GLU A 214 13.70 -3.45 -21.11
C GLU A 214 13.27 -4.81 -20.57
N GLU A 215 12.55 -5.58 -21.39
CA GLU A 215 12.02 -6.87 -20.97
C GLU A 215 13.13 -7.83 -20.58
N ILE A 216 13.00 -8.48 -19.42
CA ILE A 216 14.03 -9.42 -18.98
C ILE A 216 13.43 -10.28 -17.86
N THR A 217 13.95 -11.50 -17.73
CA THR A 217 13.58 -12.36 -16.60
C THR A 217 14.85 -12.76 -15.86
N LEU A 218 14.87 -12.46 -14.56
CA LEU A 218 15.91 -12.89 -13.64
C LEU A 218 15.27 -13.76 -12.57
N THR A 219 15.79 -14.97 -12.36
CA THR A 219 15.34 -15.78 -11.24
C THR A 219 16.52 -16.44 -10.55
N TRP A 220 16.35 -16.71 -9.26
CA TRP A 220 17.25 -17.58 -8.52
C TRP A 220 16.62 -18.96 -8.35
N GLN A 221 17.45 -20.00 -8.38
CA GLN A 221 16.97 -21.36 -8.24
C GLN A 221 17.87 -22.16 -7.28
N HIS A 222 17.25 -22.85 -6.33
CA HIS A 222 17.98 -23.65 -5.36
C HIS A 222 17.94 -25.13 -5.74
N ASP A 223 18.95 -25.58 -6.47
CA ASP A 223 19.04 -26.99 -6.89
C ASP A 223 17.72 -27.48 -7.49
N GLY A 224 17.18 -26.73 -8.43
CA GLY A 224 15.94 -27.09 -9.09
C GLY A 224 14.75 -26.30 -8.56
N GLU A 225 14.72 -26.10 -7.24
CA GLU A 225 13.64 -25.36 -6.61
C GLU A 225 13.77 -23.86 -6.88
N ASP A 226 12.76 -23.31 -7.55
CA ASP A 226 12.75 -21.88 -7.86
C ASP A 226 12.54 -21.03 -6.62
N GLN A 227 13.24 -19.90 -6.55
CA GLN A 227 13.12 -19.00 -5.41
C GLN A 227 12.58 -17.64 -5.83
N THR A 228 11.28 -17.58 -6.08
CA THR A 228 10.62 -16.35 -6.49
C THR A 228 10.00 -15.63 -5.30
N GLN A 229 9.63 -16.39 -4.28
CA GLN A 229 9.01 -15.84 -3.08
C GLN A 229 10.07 -15.43 -2.06
N GLU A 230 11.25 -16.05 -2.17
CA GLU A 230 12.35 -15.77 -1.24
C GLU A 230 13.16 -14.55 -1.67
N MET A 231 13.23 -14.25 -2.96
CA MET A 231 14.16 -13.25 -3.45
C MET A 231 13.58 -11.83 -3.38
N GLU A 232 14.48 -10.84 -3.39
CA GLU A 232 14.14 -9.45 -3.61
C GLU A 232 14.49 -9.11 -5.05
N LEU A 233 13.47 -8.77 -5.84
CA LEU A 233 13.61 -8.43 -7.25
C LEU A 233 13.35 -6.94 -7.41
N VAL A 234 14.35 -6.19 -7.81
CA VAL A 234 14.17 -4.75 -7.93
C VAL A 234 13.51 -4.43 -9.27
N GLU A 235 12.70 -3.37 -9.29
CA GLU A 235 12.12 -2.87 -10.55
C GLU A 235 13.23 -2.49 -11.52
N THR A 236 13.05 -2.88 -12.79
CA THR A 236 13.97 -2.51 -13.86
C THR A 236 14.11 -0.99 -13.94
N ARG A 237 15.34 -0.52 -14.16
CA ARG A 237 15.63 0.89 -14.03
C ARG A 237 16.51 1.35 -15.20
N PRO A 238 16.35 2.58 -15.64
CA PRO A 238 17.18 3.07 -16.75
C PRO A 238 18.60 3.36 -16.28
N ASP A 239 19.57 3.10 -17.15
CA ASP A 239 20.97 3.34 -16.82
C ASP A 239 21.35 4.80 -17.04
N GLY A 240 20.59 5.49 -17.87
CA GLY A 240 20.85 6.89 -18.18
C GLY A 240 21.52 7.08 -19.52
N ASN A 241 21.93 5.96 -20.12
CA ASN A 241 22.58 5.96 -21.42
C ASN A 241 21.79 5.21 -22.48
N GLY A 242 20.48 5.07 -22.30
CA GLY A 242 19.68 4.36 -23.27
C GLY A 242 19.46 2.88 -23.01
N ALA A 243 19.94 2.33 -21.89
CA ALA A 243 19.74 0.91 -21.61
C ALA A 243 19.16 0.74 -20.23
N PHE A 244 19.18 -0.49 -19.69
CA PHE A 244 18.49 -0.76 -18.45
C PHE A 244 19.33 -1.66 -17.54
N GLN A 245 18.91 -1.69 -16.26
CA GLN A 245 19.54 -2.48 -15.21
C GLN A 245 18.48 -3.20 -14.40
N LYS A 246 18.85 -4.36 -13.86
CA LYS A 246 17.99 -5.05 -12.93
C LYS A 246 18.84 -5.98 -12.07
N TRP A 247 18.39 -6.23 -10.83
CA TRP A 247 19.01 -7.28 -10.05
C TRP A 247 17.99 -8.03 -9.21
N ALA A 248 18.39 -9.25 -8.80
CA ALA A 248 17.65 -10.09 -7.86
C ALA A 248 18.62 -10.60 -6.81
N ALA A 249 18.27 -10.44 -5.55
CA ALA A 249 19.13 -10.86 -4.46
C ALA A 249 18.40 -11.85 -3.55
N LEU A 250 19.20 -12.63 -2.84
CA LEU A 250 18.73 -13.77 -2.06
C LEU A 250 19.64 -13.89 -0.84
N VAL A 251 19.05 -14.08 0.34
CA VAL A 251 19.83 -14.37 1.53
C VAL A 251 19.96 -15.88 1.66
N VAL A 252 21.20 -16.35 1.68
CA VAL A 252 21.48 -17.79 1.77
C VAL A 252 22.36 -18.01 2.98
N PRO A 253 22.37 -19.23 3.54
CA PRO A 253 23.27 -19.50 4.66
C PRO A 253 24.71 -19.57 4.18
N SER A 254 25.62 -19.06 5.01
CA SER A 254 27.03 -19.17 4.71
C SER A 254 27.43 -20.63 4.55
N GLY A 255 28.27 -20.90 3.55
CA GLY A 255 28.61 -22.25 3.17
C GLY A 255 27.75 -22.86 2.10
N GLU A 256 26.58 -22.28 1.82
CA GLU A 256 25.62 -22.86 0.87
C GLU A 256 25.62 -22.18 -0.49
N GLU A 257 26.47 -21.17 -0.70
CA GLU A 257 26.40 -20.35 -1.92
C GLU A 257 26.45 -21.19 -3.18
N GLN A 258 27.21 -22.30 -3.17
CA GLN A 258 27.44 -23.06 -4.38
C GLN A 258 26.19 -23.78 -4.86
N ARG A 259 25.15 -23.87 -4.03
CA ARG A 259 23.96 -24.60 -4.41
C ARG A 259 22.94 -23.74 -5.15
N TYR A 260 23.16 -22.43 -5.26
CA TYR A 260 22.20 -21.52 -5.86
C TYR A 260 22.69 -21.05 -7.22
N THR A 261 21.77 -20.97 -8.18
CA THR A 261 22.08 -20.47 -9.50
C THR A 261 21.16 -19.33 -9.84
N CYS A 262 21.67 -18.38 -10.61
CA CYS A 262 20.88 -17.28 -11.14
C CYS A 262 20.63 -17.54 -12.61
N HIS A 263 19.40 -17.30 -13.04
CA HIS A 263 18.99 -17.60 -14.42
C HIS A 263 18.52 -16.31 -15.08
N VAL A 264 19.07 -16.02 -16.25
CA VAL A 264 18.85 -14.74 -16.91
C VAL A 264 18.32 -15.01 -18.31
N GLN A 265 17.15 -14.46 -18.63
CA GLN A 265 16.60 -14.56 -19.97
C GLN A 265 16.40 -13.16 -20.54
N HIS A 266 16.86 -12.96 -21.77
CA HIS A 266 16.77 -11.70 -22.48
C HIS A 266 16.93 -11.99 -23.97
N GLU A 267 16.17 -11.29 -24.81
CA GLU A 267 16.12 -11.66 -26.23
C GLU A 267 17.44 -11.41 -26.95
N GLY A 268 18.36 -10.62 -26.37
CA GLY A 268 19.67 -10.49 -26.97
C GLY A 268 20.60 -11.68 -26.74
N LEU A 269 20.23 -12.60 -25.85
CA LEU A 269 21.07 -13.75 -25.49
C LEU A 269 20.88 -14.88 -26.50
N PRO A 270 21.97 -15.48 -26.99
CA PRO A 270 21.78 -16.68 -27.84
C PRO A 270 21.09 -17.81 -27.11
N GLN A 271 21.39 -18.00 -25.83
CA GLN A 271 20.71 -18.92 -24.92
C GLN A 271 20.61 -18.26 -23.55
N PRO A 272 19.64 -18.67 -22.74
CA PRO A 272 19.59 -18.17 -21.35
C PRO A 272 20.90 -18.46 -20.63
N LEU A 273 21.22 -17.61 -19.67
CA LEU A 273 22.43 -17.78 -18.87
C LEU A 273 22.07 -18.41 -17.54
N THR A 274 23.07 -19.12 -16.98
CA THR A 274 23.02 -19.64 -15.63
C THR A 274 24.31 -19.23 -14.93
N LEU A 275 24.19 -18.49 -13.84
CA LEU A 275 25.33 -18.03 -13.08
C LEU A 275 25.37 -18.77 -11.75
N ARG A 276 26.59 -19.00 -11.26
CA ARG A 276 26.87 -19.68 -10.00
C ARG A 276 28.07 -19.02 -9.34
N TRP A 277 27.98 -18.81 -8.04
CA TRP A 277 28.97 -18.04 -7.31
C TRP A 277 30.34 -18.74 -7.27
N ILE B 1 -6.80 10.17 -5.68
CA ILE B 1 -6.07 9.01 -6.23
C ILE B 1 -4.60 9.41 -6.50
N GLN B 2 -3.81 9.39 -5.43
CA GLN B 2 -2.40 9.79 -5.36
C GLN B 2 -1.54 8.57 -5.04
N ARG B 3 -0.28 8.61 -5.44
CA ARG B 3 0.63 7.49 -5.23
C ARG B 3 2.00 7.99 -4.75
N THR B 4 2.54 7.30 -3.76
CA THR B 4 3.83 7.67 -3.22
C THR B 4 4.96 7.10 -4.10
N PRO B 5 6.06 7.83 -4.25
CA PRO B 5 7.12 7.39 -5.16
C PRO B 5 7.98 6.27 -4.59
N LYS B 6 8.40 5.39 -5.49
CA LYS B 6 9.51 4.47 -5.29
C LYS B 6 10.80 5.20 -5.67
N ILE B 7 11.90 4.76 -5.07
CA ILE B 7 13.18 5.44 -5.18
C ILE B 7 14.28 4.39 -5.28
N GLN B 8 15.10 4.46 -6.33
CA GLN B 8 16.34 3.71 -6.40
C GLN B 8 17.49 4.68 -6.62
N VAL B 9 18.57 4.49 -5.86
CA VAL B 9 19.82 5.25 -6.01
C VAL B 9 20.90 4.27 -6.42
N TYR B 10 21.63 4.62 -7.47
CA TYR B 10 22.61 3.70 -8.04
C TYR B 10 23.47 4.49 -9.01
N SER B 11 24.55 3.85 -9.44
CA SER B 11 25.44 4.42 -10.43
C SER B 11 25.21 3.78 -11.79
N ARG B 12 25.59 4.49 -12.84
CA ARG B 12 25.41 3.94 -14.19
C ARG B 12 26.33 2.74 -14.40
N HIS B 13 27.54 2.80 -13.86
CA HIS B 13 28.53 1.75 -14.00
C HIS B 13 28.89 1.24 -12.61
N PRO B 14 29.43 0.02 -12.50
CA PRO B 14 29.87 -0.45 -11.18
C PRO B 14 30.95 0.49 -10.64
N ALA B 15 30.80 0.87 -9.38
CA ALA B 15 31.54 1.98 -8.79
C ALA B 15 33.03 1.65 -8.67
N GLU B 16 33.84 2.19 -9.59
CA GLU B 16 35.30 2.07 -9.56
C GLU B 16 35.87 3.37 -8.98
N ASN B 17 36.33 3.31 -7.73
CA ASN B 17 36.84 4.48 -7.02
C ASN B 17 37.89 5.20 -7.86
N GLY B 18 37.75 6.52 -7.95
CA GLY B 18 38.65 7.32 -8.75
C GLY B 18 38.30 7.42 -10.22
N LYS B 19 37.25 6.73 -10.68
CA LYS B 19 36.82 6.86 -12.06
C LYS B 19 35.50 7.60 -12.13
N SER B 20 35.32 8.36 -13.22
CA SER B 20 34.11 9.14 -13.41
C SER B 20 32.93 8.24 -13.71
N ASN B 21 31.85 8.42 -12.95
CA ASN B 21 30.64 7.63 -13.09
C ASN B 21 29.44 8.57 -13.24
N PHE B 22 28.22 8.04 -13.15
CA PHE B 22 27.02 8.85 -13.02
C PHE B 22 26.26 8.35 -11.80
N LEU B 23 25.81 9.28 -10.98
CA LEU B 23 24.92 8.96 -9.88
C LEU B 23 23.48 9.13 -10.37
N ASN B 24 22.67 8.07 -10.24
CA ASN B 24 21.28 8.07 -10.67
C ASN B 24 20.35 7.98 -9.47
N CYS B 25 19.28 8.78 -9.49
CA CYS B 25 18.17 8.61 -8.57
C CYS B 25 16.90 8.46 -9.42
N TYR B 26 16.32 7.26 -9.41
CA TYR B 26 15.19 6.92 -10.25
C TYR B 26 13.94 6.91 -9.40
N VAL B 27 13.01 7.83 -9.69
CA VAL B 27 11.78 7.94 -8.92
C VAL B 27 10.65 7.49 -9.83
N SER B 28 9.78 6.63 -9.31
CA SER B 28 8.79 6.00 -10.16
C SER B 28 7.52 5.74 -9.35
N GLY B 29 6.44 5.42 -10.09
CA GLY B 29 5.19 5.03 -9.47
C GLY B 29 4.47 6.12 -8.71
N PHE B 30 4.72 7.39 -9.00
CA PHE B 30 4.12 8.45 -8.21
C PHE B 30 3.03 9.18 -9.00
N HIS B 31 2.11 9.82 -8.25
CA HIS B 31 1.08 10.65 -8.84
C HIS B 31 0.59 11.61 -7.76
N PRO B 32 0.47 12.92 -8.05
CA PRO B 32 0.67 13.63 -9.31
C PRO B 32 2.14 13.88 -9.62
N SER B 33 2.39 14.65 -10.67
CA SER B 33 3.70 14.66 -11.32
C SER B 33 4.70 15.58 -10.63
N ASP B 34 4.25 16.65 -9.98
CA ASP B 34 5.17 17.54 -9.27
C ASP B 34 5.92 16.77 -8.20
N ILE B 35 7.24 16.87 -8.19
CA ILE B 35 8.07 16.11 -7.26
C ILE B 35 9.37 16.87 -7.11
N GLU B 36 9.99 16.75 -5.94
CA GLU B 36 11.26 17.43 -5.71
C GLU B 36 12.32 16.37 -5.40
N VAL B 37 13.37 16.36 -6.21
CA VAL B 37 14.46 15.39 -6.09
C VAL B 37 15.77 16.16 -6.05
N ASP B 38 16.60 15.88 -5.04
CA ASP B 38 17.94 16.43 -4.95
C ASP B 38 18.96 15.33 -4.70
N LEU B 39 20.07 15.39 -5.41
CA LEU B 39 21.21 14.53 -5.12
C LEU B 39 22.14 15.25 -4.14
N LEU B 40 22.73 14.48 -3.24
CA LEU B 40 23.55 15.00 -2.15
C LEU B 40 24.93 14.39 -2.21
N LYS B 41 25.96 15.22 -2.05
CA LYS B 41 27.32 14.76 -1.81
C LYS B 41 27.73 15.22 -0.41
N ASN B 42 28.01 14.25 0.46
CA ASN B 42 28.41 14.48 1.85
C ASN B 42 27.36 15.26 2.63
N GLY B 43 26.10 15.23 2.21
CA GLY B 43 25.01 15.85 2.93
C GLY B 43 24.52 17.17 2.36
N GLU B 44 25.15 17.69 1.31
CA GLU B 44 24.76 18.96 0.71
C GLU B 44 24.36 18.77 -0.75
N ARG B 45 23.37 19.54 -1.18
CA ARG B 45 22.82 19.43 -2.52
C ARG B 45 23.89 19.62 -3.58
N ILE B 46 23.99 18.65 -4.49
CA ILE B 46 24.77 18.82 -5.71
C ILE B 46 24.03 19.80 -6.61
N GLU B 47 24.77 20.73 -7.22
CA GLU B 47 24.14 21.82 -7.96
C GLU B 47 23.77 21.41 -9.38
N LYS B 48 24.70 20.79 -10.11
CA LYS B 48 24.46 20.51 -11.52
C LYS B 48 23.87 19.10 -11.66
N VAL B 49 22.58 19.01 -11.37
CA VAL B 49 21.81 17.76 -11.49
C VAL B 49 20.79 17.95 -12.61
N GLU B 50 20.71 16.96 -13.51
CA GLU B 50 19.78 16.98 -14.62
C GLU B 50 18.76 15.85 -14.45
N HIS B 51 17.67 15.91 -15.21
CA HIS B 51 16.66 14.86 -15.15
C HIS B 51 16.05 14.60 -16.52
N SER B 52 15.53 13.39 -16.68
CA SER B 52 14.85 12.95 -17.88
C SER B 52 13.52 13.69 -18.06
N ASP B 53 12.88 13.48 -19.19
CA ASP B 53 11.62 14.13 -19.47
C ASP B 53 10.46 13.33 -18.89
N LEU B 54 9.49 14.03 -18.32
CA LEU B 54 8.36 13.42 -17.65
C LEU B 54 7.64 12.40 -18.54
N SER B 55 7.54 11.15 -18.04
CA SER B 55 6.81 10.10 -18.71
C SER B 55 6.05 9.32 -17.67
N PHE B 56 5.25 8.33 -18.10
CA PHE B 56 4.46 7.54 -17.17
C PHE B 56 4.22 6.13 -17.70
N SER B 57 3.76 5.25 -16.79
CA SER B 57 3.58 3.83 -17.03
C SER B 57 2.12 3.51 -17.35
N LYS B 58 1.85 2.23 -17.59
CA LYS B 58 0.53 1.75 -17.93
C LYS B 58 -0.52 2.17 -16.89
N ASP B 59 -0.16 2.10 -15.61
CA ASP B 59 -1.11 2.47 -14.58
C ASP B 59 -1.22 3.99 -14.38
N TRP B 60 -0.66 4.80 -15.31
CA TRP B 60 -0.66 6.26 -15.33
C TRP B 60 0.34 6.89 -14.37
N SER B 61 1.06 6.11 -13.55
CA SER B 61 1.99 6.68 -12.58
C SER B 61 3.29 7.13 -13.26
N PHE B 62 3.89 8.19 -12.74
CA PHE B 62 4.98 8.88 -13.40
C PHE B 62 6.34 8.31 -13.02
N TYR B 63 7.33 8.55 -13.88
CA TYR B 63 8.70 8.20 -13.51
C TYR B 63 9.65 9.24 -14.06
N LEU B 64 10.75 9.47 -13.32
CA LEU B 64 11.82 10.39 -13.69
C LEU B 64 13.18 9.83 -13.28
N LEU B 65 14.18 10.04 -14.13
CA LEU B 65 15.57 9.76 -13.78
C LEU B 65 16.29 11.08 -13.53
N TYR B 66 16.80 11.27 -12.32
CA TYR B 66 17.70 12.38 -12.02
C TYR B 66 19.14 11.87 -11.95
N TYR B 67 20.09 12.65 -12.50
CA TYR B 67 21.44 12.15 -12.65
C TYR B 67 22.45 13.30 -12.63
N THR B 68 23.68 12.97 -12.24
CA THR B 68 24.82 13.87 -12.29
C THR B 68 26.10 13.07 -12.43
N GLU B 69 27.09 13.66 -13.07
CA GLU B 69 28.43 13.09 -13.10
C GLU B 69 29.01 13.03 -11.70
N PHE B 70 29.74 11.95 -11.40
CA PHE B 70 30.50 11.93 -10.16
C PHE B 70 31.63 10.93 -10.26
N THR B 71 32.60 11.12 -9.36
CA THR B 71 33.74 10.22 -9.20
C THR B 71 33.67 9.68 -7.78
N PRO B 72 33.26 8.44 -7.57
CA PRO B 72 33.14 7.93 -6.21
C PRO B 72 34.51 7.71 -5.59
N THR B 73 34.54 7.77 -4.26
CA THR B 73 35.76 7.47 -3.52
C THR B 73 35.44 6.52 -2.37
N GLU B 74 36.40 6.37 -1.45
CA GLU B 74 36.29 5.45 -0.33
C GLU B 74 35.65 6.08 0.90
N LYS B 75 35.05 7.27 0.77
CA LYS B 75 34.62 7.99 1.95
C LYS B 75 33.52 8.98 1.60
N ASP B 76 33.48 9.41 0.33
CA ASP B 76 32.47 10.36 -0.12
C ASP B 76 31.10 9.71 -0.08
N GLU B 77 30.24 10.19 0.81
CA GLU B 77 28.87 9.73 0.90
C GLU B 77 28.01 10.41 -0.16
N TYR B 78 27.09 9.66 -0.77
CA TYR B 78 26.12 10.22 -1.71
C TYR B 78 24.71 9.75 -1.35
N ALA B 79 23.70 10.56 -1.71
CA ALA B 79 22.33 10.24 -1.34
C ALA B 79 21.35 11.03 -2.20
N CYS B 80 20.08 10.65 -2.11
CA CYS B 80 19.00 11.26 -2.87
C CYS B 80 17.87 11.60 -1.92
N ARG B 81 17.40 12.85 -1.96
CA ARG B 81 16.32 13.33 -1.12
C ARG B 81 15.09 13.58 -1.98
N VAL B 82 13.94 13.09 -1.54
CA VAL B 82 12.73 13.11 -2.35
C VAL B 82 11.58 13.64 -1.51
N ASN B 83 10.89 14.67 -2.00
CA ASN B 83 9.65 15.08 -1.38
C ASN B 83 8.54 15.09 -2.42
N HIS B 84 7.32 14.96 -1.93
CA HIS B 84 6.17 14.74 -2.80
C HIS B 84 4.93 14.99 -1.94
N VAL B 85 3.81 15.32 -2.58
CA VAL B 85 2.60 15.60 -1.81
C VAL B 85 2.24 14.42 -0.91
N THR B 86 2.43 13.18 -1.40
CA THR B 86 2.06 12.01 -0.61
C THR B 86 2.98 11.79 0.58
N LEU B 87 4.09 12.52 0.67
CA LEU B 87 5.10 12.32 1.71
C LEU B 87 5.01 13.45 2.73
N SER B 88 4.63 13.11 3.96
CA SER B 88 4.59 14.11 5.03
C SER B 88 5.99 14.62 5.40
N GLN B 89 7.01 13.77 5.32
CA GLN B 89 8.40 14.18 5.46
C GLN B 89 9.16 13.66 4.25
N PRO B 90 10.23 14.34 3.84
CA PRO B 90 11.00 13.83 2.70
C PRO B 90 11.62 12.48 3.02
N LYS B 91 11.84 11.69 1.98
CA LYS B 91 12.62 10.46 2.08
C LYS B 91 14.03 10.73 1.63
N ILE B 92 15.01 10.23 2.37
CA ILE B 92 16.40 10.23 1.95
C ILE B 92 16.83 8.77 1.82
N VAL B 93 17.48 8.44 0.70
CA VAL B 93 17.96 7.10 0.44
C VAL B 93 19.44 7.20 0.11
N LYS B 94 20.26 6.53 0.91
CA LYS B 94 21.70 6.58 0.71
C LYS B 94 22.09 5.82 -0.55
N TRP B 95 23.19 6.24 -1.16
CA TRP B 95 23.76 5.45 -2.25
C TRP B 95 24.60 4.31 -1.70
N ASP B 96 24.45 3.14 -2.31
CA ASP B 96 25.16 1.92 -1.94
C ASP B 96 25.70 1.32 -3.22
N ARG B 97 27.03 1.15 -3.29
CA ARG B 97 27.62 0.66 -4.53
C ARG B 97 27.29 -0.79 -4.82
N ASP B 98 26.77 -1.53 -3.85
CA ASP B 98 26.32 -2.91 -4.04
C ASP B 98 24.82 -3.01 -4.30
N MET B 99 24.15 -1.87 -4.48
CA MET B 99 22.74 -1.85 -4.89
C MET B 99 22.53 -0.96 -6.11
N ASP C 1 4.91 11.91 -36.62
CA ASP C 1 4.46 13.19 -36.06
C ASP C 1 3.56 13.00 -34.84
N PHE C 2 3.64 13.92 -33.87
CA PHE C 2 2.51 14.15 -32.98
C PHE C 2 1.24 14.21 -33.82
N GLN C 3 0.14 13.73 -33.26
CA GLN C 3 -1.14 13.93 -33.92
C GLN C 3 -1.54 15.40 -33.83
N GLU C 4 -2.28 15.88 -34.83
CA GLU C 4 -2.86 17.21 -34.77
C GLU C 4 -4.25 17.13 -34.17
N SER C 5 -4.60 18.13 -33.35
CA SER C 5 -5.91 18.17 -32.72
C SER C 5 -6.87 19.01 -33.55
N ALA C 6 -8.03 19.35 -32.99
CA ALA C 6 -9.01 20.19 -33.68
C ALA C 6 -9.61 21.15 -32.65
N ASP C 7 -9.02 22.33 -32.55
CA ASP C 7 -9.42 23.39 -31.62
C ASP C 7 -9.36 22.92 -30.17
N SER C 8 -10.52 22.69 -29.56
CA SER C 8 -10.62 22.12 -28.23
C SER C 8 -11.52 20.89 -28.29
N PHE C 9 -11.00 19.77 -27.81
CA PHE C 9 -11.68 18.48 -27.93
C PHE C 9 -11.68 17.78 -26.57
N LEU C 10 -12.34 18.38 -25.57
CA LEU C 10 -12.44 17.78 -24.23
C LEU C 10 -13.62 18.34 -23.42
N GLY D 1 5.81 10.19 25.41
CA GLY D 1 6.07 8.85 24.88
C GLY D 1 5.48 7.77 25.76
N PHE D 2 4.32 7.25 25.36
CA PHE D 2 3.52 6.40 26.22
C PHE D 2 3.15 5.11 25.48
N HIS D 3 3.33 3.97 26.15
CA HIS D 3 3.21 2.67 25.49
C HIS D 3 2.61 1.67 26.47
N SER D 4 1.94 0.64 25.91
CA SER D 4 1.20 -0.35 26.69
C SER D 4 1.58 -1.76 26.24
N LEU D 5 1.61 -2.66 27.22
CA LEU D 5 1.69 -4.11 27.00
C LEU D 5 0.40 -4.68 27.56
N ARG D 6 -0.37 -5.38 26.72
CA ARG D 6 -1.68 -5.82 27.14
C ARG D 6 -1.94 -7.24 26.66
N TYR D 7 -2.49 -8.05 27.56
CA TYR D 7 -2.87 -9.42 27.28
C TYR D 7 -4.38 -9.56 27.35
N PHE D 8 -4.93 -10.33 26.43
CA PHE D 8 -6.38 -10.52 26.33
C PHE D 8 -6.66 -12.02 26.36
N TYR D 9 -7.35 -12.49 27.40
CA TYR D 9 -7.77 -13.89 27.48
C TYR D 9 -9.25 -14.01 27.18
N THR D 10 -9.62 -15.00 26.37
CA THR D 10 -11.02 -15.40 26.23
C THR D 10 -11.12 -16.90 26.43
N ALA D 11 -12.00 -17.30 27.35
CA ALA D 11 -12.27 -18.70 27.58
C ALA D 11 -13.78 -18.89 27.51
N TRP D 12 -14.23 -19.89 26.75
CA TRP D 12 -15.67 -20.14 26.68
C TRP D 12 -15.98 -21.62 26.56
N SER D 13 -17.12 -21.99 27.13
CA SER D 13 -17.60 -23.37 27.08
C SER D 13 -18.36 -23.62 25.80
N ARG D 14 -18.24 -24.85 25.29
CA ARG D 14 -18.96 -25.31 24.10
C ARG D 14 -19.75 -26.55 24.51
N PRO D 15 -20.85 -26.38 25.23
CA PRO D 15 -21.56 -27.56 25.79
C PRO D 15 -22.07 -28.47 24.69
N GLY D 16 -21.73 -29.76 24.82
CA GLY D 16 -22.20 -30.78 23.91
C GLY D 16 -21.36 -30.98 22.67
N SER D 17 -20.48 -30.03 22.33
CA SER D 17 -19.66 -30.13 21.13
C SER D 17 -18.20 -29.82 21.43
N GLY D 18 -17.72 -30.21 22.61
CA GLY D 18 -16.31 -30.29 22.89
C GLY D 18 -15.91 -29.61 24.17
N GLU D 19 -14.61 -29.71 24.46
CA GLU D 19 -13.81 -29.09 25.51
C GLU D 19 -14.00 -27.57 25.55
N PRO D 20 -13.91 -26.93 26.72
CA PRO D 20 -13.82 -25.46 26.74
C PRO D 20 -12.61 -25.00 25.95
N ARG D 21 -12.74 -23.85 25.31
CA ARG D 21 -11.67 -23.27 24.53
C ARG D 21 -11.10 -22.03 25.22
N PHE D 22 -9.82 -21.79 25.00
CA PHE D 22 -9.10 -20.67 25.58
C PHE D 22 -8.21 -20.10 24.50
N VAL D 23 -8.32 -18.78 24.26
CA VAL D 23 -7.51 -18.09 23.27
C VAL D 23 -6.94 -16.84 23.92
N ALA D 24 -5.64 -16.64 23.77
CA ALA D 24 -4.97 -15.47 24.36
C ALA D 24 -4.18 -14.76 23.28
N VAL D 25 -4.15 -13.43 23.37
CA VAL D 25 -3.35 -12.63 22.45
C VAL D 25 -2.64 -11.58 23.27
N GLY D 26 -1.52 -11.11 22.78
CA GLY D 26 -0.80 -10.01 23.41
C GLY D 26 -0.56 -8.90 22.40
N TYR D 27 -0.72 -7.67 22.86
CA TYR D 27 -0.53 -6.48 22.04
C TYR D 27 0.49 -5.58 22.70
N VAL D 28 1.37 -4.99 21.89
CA VAL D 28 2.08 -3.78 22.28
C VAL D 28 1.43 -2.62 21.54
N ASP D 29 0.91 -1.66 22.30
CA ASP D 29 0.09 -0.60 21.72
C ASP D 29 -1.00 -1.24 20.84
N ASP D 30 -1.06 -0.86 19.57
CA ASP D 30 -2.05 -1.41 18.63
C ASP D 30 -1.49 -2.52 17.74
N THR D 31 -0.34 -3.12 18.10
CA THR D 31 0.26 -4.16 17.28
C THR D 31 0.24 -5.49 18.04
N GLN D 32 -0.41 -6.51 17.49
CA GLN D 32 -0.38 -7.84 18.07
C GLN D 32 0.96 -8.51 17.83
N PHE D 33 1.46 -9.24 18.83
CA PHE D 33 2.76 -9.88 18.71
C PHE D 33 2.80 -11.34 19.08
N VAL D 34 1.75 -11.90 19.70
CA VAL D 34 1.78 -13.27 20.20
C VAL D 34 0.34 -13.77 20.34
N ARG D 35 0.17 -15.09 20.31
CA ARG D 35 -1.13 -15.74 20.41
C ARG D 35 -0.98 -17.09 21.10
N PHE D 36 -2.11 -17.62 21.57
CA PHE D 36 -2.17 -18.96 22.12
C PHE D 36 -3.58 -19.47 21.95
N ASP D 37 -3.72 -20.72 21.50
CA ASP D 37 -5.04 -21.31 21.21
C ASP D 37 -5.05 -22.73 21.76
N SER D 38 -5.84 -22.96 22.81
CA SER D 38 -5.86 -24.25 23.48
C SER D 38 -6.36 -25.38 22.60
N ASP D 39 -6.96 -25.08 21.45
CA ASP D 39 -7.46 -26.13 20.57
C ASP D 39 -6.35 -26.81 19.78
N ASN D 40 -5.19 -26.18 19.62
CA ASN D 40 -4.08 -26.83 18.92
C ASN D 40 -3.68 -28.11 19.65
N ALA D 41 -3.03 -29.02 18.91
CA ALA D 41 -2.71 -30.33 19.44
C ALA D 41 -1.76 -30.22 20.63
N SER D 42 -0.56 -29.71 20.40
CA SER D 42 0.38 -29.45 21.49
C SER D 42 0.53 -27.95 21.60
N PRO D 43 -0.41 -27.26 22.23
CA PRO D 43 -0.55 -25.81 22.04
C PRO D 43 0.67 -25.03 22.53
N ARG D 44 1.24 -24.20 21.66
CA ARG D 44 2.39 -23.37 21.99
C ARG D 44 2.04 -21.90 21.88
N ALA D 45 2.73 -21.09 22.68
CA ALA D 45 2.76 -19.66 22.39
C ALA D 45 3.44 -19.45 21.05
N GLU D 46 2.86 -18.62 20.20
CA GLU D 46 3.34 -18.45 18.84
C GLU D 46 3.53 -16.97 18.53
N PRO D 47 4.59 -16.61 17.82
CA PRO D 47 4.81 -15.20 17.47
C PRO D 47 3.84 -14.76 16.40
N ARG D 48 3.43 -13.48 16.45
CA ARG D 48 2.52 -12.92 15.46
C ARG D 48 3.00 -11.58 14.93
N ALA D 49 4.29 -11.26 15.11
CA ALA D 49 4.88 -10.03 14.60
C ALA D 49 6.31 -10.34 14.19
N PRO D 50 6.79 -9.80 13.07
CA PRO D 50 8.12 -10.20 12.57
C PRO D 50 9.23 -9.99 13.58
N TRP D 51 9.22 -8.89 14.33
CA TRP D 51 10.26 -8.65 15.32
C TRP D 51 10.26 -9.69 16.45
N MET D 52 9.15 -10.41 16.64
CA MET D 52 9.11 -11.46 17.66
C MET D 52 9.86 -12.71 17.21
N ASP D 53 9.69 -13.11 15.95
CA ASP D 53 10.34 -14.32 15.45
C ASP D 53 11.77 -14.09 15.01
N LEU D 54 12.16 -12.84 14.74
CA LEU D 54 13.52 -12.56 14.34
C LEU D 54 14.42 -12.24 15.53
N VAL D 55 13.88 -11.63 16.59
CA VAL D 55 14.72 -11.16 17.69
C VAL D 55 14.23 -11.70 19.03
N GLU D 56 14.35 -13.01 19.24
CA GLU D 56 14.25 -13.54 20.60
C GLU D 56 15.37 -14.51 20.91
N GLN D 57 16.43 -14.55 20.09
CA GLN D 57 17.67 -15.24 20.41
C GLN D 57 18.10 -14.90 21.83
N GLN D 58 17.72 -13.69 22.27
CA GLN D 58 18.19 -13.12 23.53
C GLN D 58 17.58 -13.80 24.75
N ASP D 59 16.51 -14.57 24.60
CA ASP D 59 15.90 -15.30 25.71
C ASP D 59 15.54 -16.69 25.23
N PRO D 60 16.51 -17.60 25.20
CA PRO D 60 16.26 -18.96 24.69
C PRO D 60 15.07 -19.67 25.34
N GLN D 61 14.68 -19.31 26.56
CA GLN D 61 13.56 -19.95 27.22
C GLN D 61 12.23 -19.20 27.08
N TYR D 62 12.17 -18.07 26.35
CA TYR D 62 10.93 -17.29 26.24
C TYR D 62 9.74 -18.16 25.82
N TRP D 63 9.88 -18.88 24.69
CA TRP D 63 8.74 -19.59 24.13
C TRP D 63 8.30 -20.76 24.99
N ASP D 64 9.24 -21.44 25.65
CA ASP D 64 8.86 -22.51 26.57
C ASP D 64 8.21 -21.93 27.83
N ARG D 65 8.80 -20.89 28.40
CA ARG D 65 8.21 -20.27 29.58
C ARG D 65 6.81 -19.75 29.28
N ASN D 66 6.62 -19.11 28.12
CA ASN D 66 5.31 -18.55 27.78
C ASN D 66 4.32 -19.64 27.40
N THR D 67 4.78 -20.73 26.78
CA THR D 67 3.90 -21.86 26.53
C THR D 67 3.38 -22.44 27.85
N ARG D 68 4.27 -22.64 28.83
CA ARG D 68 3.86 -23.15 30.12
C ARG D 68 2.86 -22.20 30.78
N ASN D 69 3.15 -20.90 30.80
CA ASN D 69 2.27 -19.94 31.46
C ASN D 69 0.89 -19.92 30.80
N ALA D 70 0.85 -20.00 29.48
CA ALA D 70 -0.42 -19.97 28.76
C ALA D 70 -1.22 -21.23 29.01
N ARG D 71 -0.56 -22.39 29.07
CA ARG D 71 -1.28 -23.62 29.33
C ARG D 71 -1.90 -23.61 30.72
N ASP D 72 -1.14 -23.13 31.71
CA ASP D 72 -1.67 -23.01 33.07
C ASP D 72 -2.83 -22.00 33.12
N ALA D 73 -2.71 -20.89 32.40
CA ALA D 73 -3.82 -19.96 32.26
C ALA D 73 -5.04 -20.65 31.61
N ALA D 74 -4.81 -21.39 30.52
CA ALA D 74 -5.91 -22.12 29.90
C ALA D 74 -6.59 -23.02 30.91
N GLN D 75 -5.81 -23.78 31.70
CA GLN D 75 -6.39 -24.61 32.74
C GLN D 75 -7.13 -23.78 33.78
N THR D 76 -6.53 -22.68 34.24
CA THR D 76 -7.18 -21.84 35.24
C THR D 76 -8.56 -21.36 34.79
N TYR D 77 -8.67 -20.90 33.55
CA TYR D 77 -9.92 -20.31 33.07
C TYR D 77 -10.92 -21.37 32.60
N ARG D 78 -10.46 -22.49 32.03
CA ARG D 78 -11.38 -23.62 31.79
C ARG D 78 -12.07 -24.02 33.08
N VAL D 79 -11.30 -24.27 34.15
CA VAL D 79 -11.91 -24.66 35.42
C VAL D 79 -12.72 -23.50 36.02
N GLY D 80 -12.21 -22.26 35.86
CA GLY D 80 -12.95 -21.10 36.34
C GLY D 80 -14.36 -21.01 35.81
N LEU D 81 -14.57 -21.38 34.54
CA LEU D 81 -15.92 -21.42 33.97
C LEU D 81 -16.87 -22.25 34.82
N ASP D 82 -16.41 -23.41 35.28
CA ASP D 82 -17.24 -24.26 36.14
C ASP D 82 -17.49 -23.60 37.49
N ASN D 83 -16.44 -23.05 38.12
CA ASN D 83 -16.64 -22.34 39.39
C ASN D 83 -17.70 -21.24 39.26
N VAL D 84 -17.57 -20.38 38.25
CA VAL D 84 -18.47 -19.24 38.15
C VAL D 84 -19.89 -19.69 37.82
N ARG D 85 -20.03 -20.66 36.91
CA ARG D 85 -21.34 -21.23 36.63
C ARG D 85 -21.97 -21.77 37.91
N GLY D 86 -21.17 -22.37 38.79
CA GLY D 86 -21.69 -22.83 40.07
C GLY D 86 -22.16 -21.69 40.97
N TYR D 87 -21.39 -20.59 41.01
CA TYR D 87 -21.83 -19.45 41.84
C TYR D 87 -23.20 -18.96 41.44
N TYR D 88 -23.48 -18.88 40.13
CA TYR D 88 -24.76 -18.40 39.65
C TYR D 88 -25.81 -19.50 39.59
N ASN D 89 -25.37 -20.77 39.67
CA ASN D 89 -26.25 -21.95 39.50
C ASN D 89 -26.87 -21.96 38.11
N GLN D 90 -26.01 -21.78 37.10
CA GLN D 90 -26.44 -21.80 35.70
C GLN D 90 -26.40 -23.20 35.13
N SER D 91 -27.27 -23.45 34.16
CA SER D 91 -27.36 -24.79 33.59
C SER D 91 -26.11 -25.11 32.78
N GLU D 92 -25.64 -26.36 32.91
CA GLU D 92 -24.51 -26.82 32.13
C GLU D 92 -24.79 -26.79 30.64
N ALA D 93 -26.06 -26.72 30.22
CA ALA D 93 -26.35 -26.78 28.80
C ALA D 93 -25.90 -25.52 28.05
N GLY D 94 -25.80 -24.38 28.72
CA GLY D 94 -25.56 -23.12 28.04
C GLY D 94 -24.08 -22.75 27.96
N SER D 95 -23.75 -21.95 26.95
CA SER D 95 -22.37 -21.51 26.77
C SER D 95 -22.13 -20.20 27.48
N HIS D 96 -20.98 -20.11 28.15
CA HIS D 96 -20.61 -18.93 28.92
C HIS D 96 -19.17 -18.56 28.61
N THR D 97 -18.81 -17.32 28.96
CA THR D 97 -17.53 -16.75 28.57
C THR D 97 -16.87 -16.03 29.74
N ILE D 98 -15.58 -16.29 29.94
CA ILE D 98 -14.75 -15.48 30.83
C ILE D 98 -13.73 -14.74 30.00
N GLN D 99 -13.61 -13.43 30.24
CA GLN D 99 -12.57 -12.66 29.58
C GLN D 99 -11.70 -11.98 30.61
N ARG D 100 -10.42 -11.83 30.28
CA ARG D 100 -9.50 -11.11 31.14
C ARG D 100 -8.65 -10.17 30.27
N MET D 101 -8.47 -8.95 30.76
CA MET D 101 -7.50 -8.06 30.14
C MET D 101 -6.60 -7.55 31.25
N TYR D 102 -5.28 -7.72 31.09
CA TYR D 102 -4.34 -7.15 32.04
C TYR D 102 -3.15 -6.58 31.29
N GLY D 103 -2.49 -5.60 31.90
CA GLY D 103 -1.22 -5.15 31.39
C GLY D 103 -0.76 -3.89 32.09
N CYS D 104 0.16 -3.18 31.43
CA CYS D 104 0.81 -2.02 32.01
C CYS D 104 0.96 -0.93 30.96
N ASP D 105 0.78 0.32 31.38
CA ASP D 105 1.15 1.49 30.59
C ASP D 105 2.43 2.06 31.16
N VAL D 106 3.39 2.34 30.29
CA VAL D 106 4.67 2.94 30.67
C VAL D 106 4.74 4.36 30.12
N GLY D 107 5.39 5.26 30.87
CA GLY D 107 5.55 6.64 30.47
C GLY D 107 6.88 6.90 29.77
N PRO D 108 7.13 8.17 29.37
CA PRO D 108 8.36 8.47 28.62
C PRO D 108 9.62 8.26 29.43
N HIS D 109 9.53 8.30 30.76
CA HIS D 109 10.65 7.99 31.63
C HIS D 109 10.97 6.49 31.72
N GLY D 110 10.21 5.63 31.04
CA GLY D 110 10.41 4.21 31.17
C GLY D 110 9.93 3.58 32.47
N ARG D 111 9.12 4.28 33.26
CA ARG D 111 8.57 3.73 34.50
C ARG D 111 7.08 3.52 34.35
N LEU D 112 6.54 2.71 35.26
CA LEU D 112 5.13 2.33 35.22
C LEU D 112 4.25 3.55 35.45
N LEU D 113 3.36 3.80 34.50
CA LEU D 113 2.29 4.78 34.68
C LEU D 113 1.08 4.16 35.38
N ARG D 114 0.68 2.96 34.96
CA ARG D 114 -0.41 2.26 35.65
C ARG D 114 -0.44 0.79 35.22
N GLY D 115 -0.86 -0.06 36.16
CA GLY D 115 -1.11 -1.46 35.86
C GLY D 115 -2.59 -1.73 35.99
N TYR D 116 -3.09 -2.80 35.37
CA TYR D 116 -4.52 -3.09 35.45
C TYR D 116 -4.74 -4.59 35.26
N ASP D 117 -5.81 -5.10 35.87
CA ASP D 117 -6.22 -6.48 35.66
C ASP D 117 -7.72 -6.53 35.87
N GLN D 118 -8.46 -6.88 34.82
CA GLN D 118 -9.90 -6.81 34.85
C GLN D 118 -10.48 -8.06 34.20
N LEU D 119 -11.59 -8.55 34.76
CA LEU D 119 -12.26 -9.74 34.25
C LEU D 119 -13.72 -9.44 34.00
N ALA D 120 -14.28 -10.12 33.00
CA ALA D 120 -15.68 -10.06 32.64
C ALA D 120 -16.25 -11.46 32.56
N TYR D 121 -17.53 -11.57 32.86
CA TYR D 121 -18.27 -12.82 32.75
C TYR D 121 -19.45 -12.58 31.83
N ASP D 122 -19.55 -13.39 30.77
CA ASP D 122 -20.59 -13.20 29.76
C ASP D 122 -20.67 -11.74 29.30
N GLY D 123 -19.51 -11.13 29.09
CA GLY D 123 -19.45 -9.80 28.50
C GLY D 123 -19.71 -8.64 29.45
N ALA D 124 -19.89 -8.89 30.75
CA ALA D 124 -20.06 -7.81 31.71
C ALA D 124 -18.94 -7.84 32.75
N ASP D 125 -18.65 -6.69 33.35
CA ASP D 125 -17.64 -6.65 34.40
C ASP D 125 -17.97 -7.67 35.48
N TYR D 126 -16.96 -8.42 35.88
CA TYR D 126 -17.08 -9.41 36.96
C TYR D 126 -16.22 -9.03 38.15
N ILE D 127 -14.92 -8.83 37.92
CA ILE D 127 -14.01 -8.45 39.01
C ILE D 127 -12.84 -7.71 38.41
N ALA D 128 -12.29 -6.76 39.15
CA ALA D 128 -11.14 -6.00 38.68
C ALA D 128 -10.19 -5.70 39.83
N LEU D 129 -8.90 -5.68 39.51
CA LEU D 129 -7.90 -5.19 40.46
C LEU D 129 -8.08 -3.68 40.65
N ASN D 130 -8.13 -3.22 41.89
CA ASN D 130 -8.26 -1.79 42.11
C ASN D 130 -6.97 -1.07 41.75
N GLU D 131 -7.05 0.26 41.72
CA GLU D 131 -5.91 1.07 41.28
C GLU D 131 -4.73 0.93 42.24
N ASP D 132 -4.98 0.64 43.51
CA ASP D 132 -3.90 0.46 44.46
C ASP D 132 -3.13 -0.84 44.22
N LEU D 133 -3.62 -1.72 43.34
CA LEU D 133 -2.99 -3.02 43.04
C LEU D 133 -2.92 -3.90 44.30
N ARG D 134 -3.86 -3.69 45.21
CA ARG D 134 -3.86 -4.34 46.50
C ARG D 134 -5.20 -4.95 46.87
N SER D 135 -6.30 -4.52 46.26
CA SER D 135 -7.64 -4.97 46.60
C SER D 135 -8.46 -5.11 45.32
N TRP D 136 -9.66 -5.69 45.46
CA TRP D 136 -10.50 -6.07 44.33
C TRP D 136 -11.89 -5.48 44.44
N THR D 137 -12.45 -5.06 43.30
CA THR D 137 -13.86 -4.69 43.21
C THR D 137 -14.63 -5.80 42.52
N ALA D 138 -15.59 -6.40 43.23
CA ALA D 138 -16.44 -7.43 42.67
C ALA D 138 -17.75 -6.81 42.22
N ALA D 139 -18.21 -7.20 41.02
CA ALA D 139 -19.36 -6.53 40.43
C ALA D 139 -20.68 -6.99 41.03
N ASP D 140 -20.75 -8.21 41.56
CA ASP D 140 -22.00 -8.71 42.11
C ASP D 140 -21.69 -9.70 43.24
N LEU D 141 -22.74 -10.42 43.67
CA LEU D 141 -22.60 -11.37 44.76
C LEU D 141 -21.75 -12.58 44.35
N ALA D 142 -21.97 -13.10 43.15
CA ALA D 142 -21.19 -14.25 42.71
C ALA D 142 -19.70 -13.93 42.68
N ALA D 143 -19.35 -12.72 42.23
CA ALA D 143 -17.95 -12.32 42.12
C ALA D 143 -17.28 -12.20 43.48
N GLN D 144 -18.06 -12.03 44.54
CA GLN D 144 -17.47 -11.94 45.86
C GLN D 144 -16.83 -13.26 46.26
N ASN D 145 -17.32 -14.38 45.74
CA ASN D 145 -16.66 -15.67 45.96
C ASN D 145 -15.26 -15.68 45.35
N THR D 146 -15.12 -15.21 44.11
CA THR D 146 -13.80 -15.09 43.51
C THR D 146 -12.90 -14.16 44.32
N ARG D 147 -13.44 -13.01 44.73
CA ARG D 147 -12.64 -12.06 45.50
C ARG D 147 -12.19 -12.67 46.83
N ARG D 148 -13.06 -13.39 47.51
CA ARG D 148 -12.65 -14.03 48.75
C ARG D 148 -11.52 -15.02 48.49
N LYS D 149 -11.72 -15.89 47.52
CA LYS D 149 -10.72 -16.90 47.18
C LYS D 149 -9.40 -16.24 46.79
N TRP D 150 -9.49 -15.04 46.19
CA TRP D 150 -8.30 -14.31 45.77
C TRP D 150 -7.59 -13.69 46.97
N GLU D 151 -8.34 -13.00 47.81
CA GLU D 151 -7.80 -12.36 49.00
C GLU D 151 -7.08 -13.37 49.88
N GLU D 152 -7.70 -14.52 50.08
CA GLU D 152 -7.11 -15.57 50.91
C GLU D 152 -5.85 -16.15 50.28
N ALA D 153 -5.81 -16.22 48.95
CA ALA D 153 -4.63 -16.74 48.28
C ALA D 153 -3.55 -15.69 48.06
N GLY D 154 -3.77 -14.43 48.44
CA GLY D 154 -2.77 -13.39 48.20
C GLY D 154 -2.54 -13.08 46.73
N TYR D 155 -3.60 -13.13 45.92
CA TYR D 155 -3.40 -13.02 44.48
C TYR D 155 -3.04 -11.60 44.06
N ALA D 156 -3.53 -10.58 44.77
CA ALA D 156 -3.27 -9.21 44.32
C ALA D 156 -1.78 -8.87 44.41
N GLU D 157 -1.06 -9.43 45.40
CA GLU D 157 0.37 -9.15 45.51
C GLU D 157 1.12 -9.80 44.36
N ARG D 158 0.69 -10.98 43.93
CA ARG D 158 1.27 -11.59 42.74
C ARG D 158 0.93 -10.77 41.49
N ASP D 159 -0.30 -10.25 41.40
CA ASP D 159 -0.63 -9.33 40.32
C ASP D 159 0.29 -8.12 40.34
N ARG D 160 0.41 -7.48 41.51
CA ARG D 160 1.21 -6.26 41.63
C ARG D 160 2.67 -6.51 41.26
N ALA D 161 3.22 -7.64 41.71
CA ALA D 161 4.63 -7.96 41.42
C ALA D 161 4.87 -8.16 39.94
N TYR D 162 3.91 -8.78 39.24
CA TYR D 162 4.04 -8.94 37.79
C TYR D 162 3.92 -7.60 37.07
N LEU D 163 2.90 -6.81 37.43
CA LEU D 163 2.59 -5.62 36.65
C LEU D 163 3.64 -4.53 36.85
N GLU D 164 4.17 -4.42 38.07
CA GLU D 164 5.25 -3.48 38.32
C GLU D 164 6.60 -4.04 37.93
N GLY D 165 6.69 -5.33 37.62
CA GLY D 165 7.96 -5.97 37.31
C GLY D 165 8.10 -6.50 35.89
N GLU D 166 7.71 -7.75 35.66
CA GLU D 166 7.91 -8.37 34.34
C GLU D 166 7.20 -7.59 33.24
N CYS D 167 5.95 -7.16 33.49
CA CYS D 167 5.21 -6.42 32.46
C CYS D 167 6.00 -5.20 31.98
N VAL D 168 6.45 -4.35 32.90
CA VAL D 168 7.22 -3.17 32.50
C VAL D 168 8.51 -3.61 31.80
N GLU D 169 9.20 -4.60 32.37
CA GLU D 169 10.45 -5.05 31.79
C GLU D 169 10.25 -5.55 30.38
N TRP D 170 9.20 -6.35 30.15
CA TRP D 170 9.02 -6.90 28.81
C TRP D 170 8.49 -5.86 27.82
N LEU D 171 7.67 -4.93 28.26
CA LEU D 171 7.26 -3.87 27.35
C LEU D 171 8.49 -3.12 26.82
N LEU D 172 9.45 -2.80 27.68
CA LEU D 172 10.64 -2.10 27.23
C LEU D 172 11.44 -2.95 26.23
N LYS D 173 11.56 -4.25 26.49
CA LYS D 173 12.28 -5.13 25.56
C LYS D 173 11.58 -5.19 24.20
N HIS D 174 10.25 -5.29 24.19
CA HIS D 174 9.53 -5.36 22.93
C HIS D 174 9.69 -4.06 22.13
N LEU D 175 9.56 -2.91 22.80
CA LEU D 175 9.73 -1.64 22.10
C LEU D 175 11.11 -1.54 21.48
N GLU D 176 12.12 -2.13 22.13
CA GLU D 176 13.48 -2.17 21.57
C GLU D 176 13.55 -3.05 20.33
N ASN D 177 13.21 -4.34 20.48
CA ASN D 177 13.26 -5.26 19.34
C ASN D 177 12.34 -4.80 18.21
N GLY D 178 11.15 -4.31 18.55
CA GLY D 178 10.18 -3.97 17.51
C GLY D 178 10.12 -2.49 17.17
N ARG D 179 11.18 -1.75 17.53
CA ARG D 179 11.17 -0.28 17.40
C ARG D 179 10.75 0.17 16.01
N GLU D 180 11.23 -0.51 14.96
CA GLU D 180 10.90 -0.10 13.60
C GLU D 180 9.40 -0.19 13.33
N THR D 181 8.71 -1.13 13.96
CA THR D 181 7.26 -1.28 13.81
C THR D 181 6.51 -0.45 14.85
N LEU D 182 6.96 -0.50 16.11
CA LEU D 182 6.17 0.08 17.21
C LEU D 182 6.39 1.58 17.37
N LEU D 183 7.62 2.06 17.16
CA LEU D 183 7.93 3.48 17.38
C LEU D 183 7.78 4.28 16.11
N ARG D 184 6.74 3.98 15.37
CA ARG D 184 6.44 4.69 14.15
C ARG D 184 5.13 5.43 14.34
N ALA D 185 4.99 6.49 13.57
CA ALA D 185 3.74 7.22 13.45
C ALA D 185 3.63 7.40 11.94
N ASP D 186 2.93 6.48 11.29
CA ASP D 186 2.66 6.56 9.87
C ASP D 186 1.42 7.43 9.68
N PRO D 187 1.53 8.63 9.12
CA PRO D 187 0.34 9.45 8.86
C PRO D 187 -0.54 8.77 7.83
N PRO D 188 -1.83 9.10 7.79
CA PRO D 188 -2.70 8.52 6.76
C PRO D 188 -2.39 9.10 5.39
N LYS D 189 -2.55 8.26 4.37
CA LYS D 189 -2.76 8.77 3.02
C LYS D 189 -4.22 9.22 2.93
N THR D 190 -4.46 10.45 2.49
CA THR D 190 -5.79 11.02 2.49
C THR D 190 -6.22 11.43 1.08
N HIS D 191 -7.51 11.32 0.82
CA HIS D 191 -8.05 11.84 -0.42
C HIS D 191 -9.57 11.88 -0.27
N ILE D 192 -10.21 12.59 -1.21
CA ILE D 192 -11.66 12.68 -1.27
C ILE D 192 -12.11 12.02 -2.54
N THR D 193 -13.16 11.20 -2.47
CA THR D 193 -13.81 10.70 -3.67
C THR D 193 -15.24 11.23 -3.75
N HIS D 194 -15.80 11.14 -4.95
CA HIS D 194 -16.99 11.89 -5.35
C HIS D 194 -17.91 10.92 -6.06
N HIS D 195 -19.11 10.72 -5.52
CA HIS D 195 -20.02 9.67 -5.99
C HIS D 195 -21.40 10.27 -6.21
N PRO D 196 -21.70 10.68 -7.44
CA PRO D 196 -23.03 11.23 -7.73
C PRO D 196 -24.15 10.26 -7.36
N ILE D 197 -25.12 10.77 -6.62
CA ILE D 197 -26.33 9.99 -6.32
C ILE D 197 -27.39 10.24 -7.38
N SER D 198 -27.58 11.48 -7.78
CA SER D 198 -28.56 11.88 -8.78
C SER D 198 -28.05 13.14 -9.46
N ASP D 199 -28.88 13.69 -10.36
CA ASP D 199 -28.56 14.98 -10.95
C ASP D 199 -28.52 16.10 -9.91
N ARG D 200 -29.00 15.82 -8.69
CA ARG D 200 -29.18 16.82 -7.65
C ARG D 200 -28.33 16.61 -6.41
N GLU D 201 -27.88 15.37 -6.12
CA GLU D 201 -27.14 15.08 -4.92
C GLU D 201 -25.86 14.29 -5.22
N VAL D 202 -24.89 14.42 -4.31
CA VAL D 202 -23.54 13.90 -4.49
C VAL D 202 -22.98 13.48 -3.13
N THR D 203 -22.38 12.28 -3.09
CA THR D 203 -21.68 11.84 -1.89
C THR D 203 -20.22 12.26 -1.97
N LEU D 204 -19.76 13.00 -0.97
CA LEU D 204 -18.34 13.26 -0.77
C LEU D 204 -17.83 12.34 0.33
N ARG D 205 -16.75 11.60 0.05
CA ARG D 205 -16.17 10.70 1.04
C ARG D 205 -14.71 11.03 1.26
N CYS D 206 -14.35 11.25 2.51
CA CYS D 206 -12.99 11.62 2.87
C CYS D 206 -12.29 10.41 3.47
N TRP D 207 -11.16 10.02 2.88
CA TRP D 207 -10.48 8.76 3.19
C TRP D 207 -9.19 9.02 3.97
N ALA D 208 -8.93 8.20 4.99
CA ALA D 208 -7.64 8.13 5.66
C ALA D 208 -7.16 6.68 5.62
N LEU D 209 -6.01 6.43 4.98
CA LEU D 209 -5.59 5.05 4.73
C LEU D 209 -4.18 4.79 5.23
N GLY D 210 -3.97 3.58 5.75
CA GLY D 210 -2.64 3.11 6.07
C GLY D 210 -1.97 3.79 7.25
N PHE D 211 -2.73 4.31 8.19
CA PHE D 211 -2.13 5.05 9.28
C PHE D 211 -1.90 4.17 10.51
N TYR D 212 -0.97 4.61 11.34
CA TYR D 212 -0.67 3.94 12.60
C TYR D 212 -0.07 4.97 13.53
N PRO D 213 -0.48 5.03 14.81
CA PRO D 213 -1.44 4.14 15.48
C PRO D 213 -2.89 4.41 15.11
N GLU D 214 -3.81 3.72 15.81
CA GLU D 214 -5.20 3.69 15.38
C GLU D 214 -5.93 5.01 15.63
N GLU D 215 -5.50 5.79 16.61
CA GLU D 215 -6.22 6.99 16.98
C GLU D 215 -6.16 8.02 15.85
N ILE D 216 -7.31 8.62 15.52
CA ILE D 216 -7.41 9.58 14.42
C ILE D 216 -8.68 10.40 14.61
N THR D 217 -8.68 11.62 14.06
CA THR D 217 -9.88 12.45 14.00
C THR D 217 -10.17 12.86 12.56
N LEU D 218 -11.39 12.57 12.11
CA LEU D 218 -11.87 12.90 10.78
C LEU D 218 -13.15 13.70 10.92
N THR D 219 -13.18 14.90 10.34
CA THR D 219 -14.42 15.68 10.38
C THR D 219 -14.60 16.44 9.08
N TRP D 220 -15.86 16.73 8.80
CA TRP D 220 -16.28 17.55 7.68
C TRP D 220 -16.81 18.87 8.20
N GLN D 221 -16.56 19.96 7.48
CA GLN D 221 -17.25 21.18 7.83
C GLN D 221 -17.69 21.90 6.56
N HIS D 222 -18.74 22.68 6.70
CA HIS D 222 -19.31 23.45 5.61
C HIS D 222 -19.13 24.92 5.95
N ASP D 223 -18.37 25.63 5.13
CA ASP D 223 -18.01 27.02 5.39
C ASP D 223 -17.47 27.20 6.81
N GLY D 224 -16.75 26.19 7.29
CA GLY D 224 -16.13 26.25 8.60
C GLY D 224 -16.99 25.80 9.76
N GLU D 225 -18.08 25.07 9.49
CA GLU D 225 -19.01 24.63 10.52
C GLU D 225 -19.07 23.11 10.55
N ASP D 226 -18.76 22.54 11.71
CA ASP D 226 -18.63 21.09 11.84
C ASP D 226 -19.95 20.37 11.54
N GLN D 227 -19.86 19.27 10.78
CA GLN D 227 -21.02 18.58 10.24
C GLN D 227 -21.11 17.14 10.73
N THR D 228 -20.79 16.91 12.01
CA THR D 228 -20.86 15.56 12.56
C THR D 228 -22.26 14.97 12.48
N GLN D 229 -23.29 15.77 12.79
CA GLN D 229 -24.66 15.26 12.82
C GLN D 229 -25.12 14.78 11.45
N GLU D 230 -24.61 15.37 10.37
CA GLU D 230 -25.01 15.02 9.02
C GLU D 230 -24.07 14.03 8.35
N MET D 231 -22.96 13.66 8.98
CA MET D 231 -21.93 12.87 8.33
C MET D 231 -21.96 11.42 8.83
N GLU D 232 -21.65 10.49 7.92
CA GLU D 232 -21.48 9.08 8.24
C GLU D 232 -20.00 8.82 8.47
N LEU D 233 -19.64 8.47 9.70
CA LEU D 233 -18.27 8.21 10.08
C LEU D 233 -18.19 6.74 10.46
N VAL D 234 -17.44 5.95 9.69
CA VAL D 234 -17.37 4.53 10.00
C VAL D 234 -16.31 4.27 11.06
N GLU D 235 -16.45 3.12 11.72
CA GLU D 235 -15.48 2.71 12.74
C GLU D 235 -14.11 2.50 12.10
N THR D 236 -13.07 2.89 12.83
CA THR D 236 -11.72 2.62 12.34
C THR D 236 -11.51 1.12 12.15
N ARG D 237 -10.86 0.73 11.05
CA ARG D 237 -10.76 -0.69 10.74
C ARG D 237 -9.33 -1.03 10.33
N PRO D 238 -8.87 -2.24 10.67
CA PRO D 238 -7.51 -2.63 10.28
C PRO D 238 -7.45 -2.96 8.79
N ASP D 239 -6.30 -2.67 8.18
CA ASP D 239 -6.17 -2.99 6.76
C ASP D 239 -5.62 -4.39 6.51
N GLY D 240 -5.29 -5.14 7.57
CA GLY D 240 -4.71 -6.47 7.43
C GLY D 240 -3.20 -6.48 7.32
N ASN D 241 -2.59 -5.31 7.17
CA ASN D 241 -1.16 -5.18 6.98
C ASN D 241 -0.51 -4.42 8.12
N GLY D 242 -1.12 -4.45 9.30
CA GLY D 242 -0.56 -3.78 10.45
C GLY D 242 -0.88 -2.31 10.60
N ALA D 243 -1.75 -1.75 9.74
CA ALA D 243 -2.17 -0.35 9.84
C ALA D 243 -3.69 -0.25 9.82
N PHE D 244 -4.24 0.97 9.70
CA PHE D 244 -5.67 1.19 9.87
C PHE D 244 -6.23 2.08 8.77
N GLN D 245 -7.56 2.06 8.64
CA GLN D 245 -8.28 2.89 7.68
C GLN D 245 -9.51 3.48 8.37
N LYS D 246 -10.02 4.57 7.78
CA LYS D 246 -11.25 5.20 8.26
C LYS D 246 -11.76 6.14 7.18
N TRP D 247 -13.08 6.39 7.17
CA TRP D 247 -13.59 7.43 6.28
C TRP D 247 -14.80 8.12 6.88
N ALA D 248 -15.03 9.35 6.41
CA ALA D 248 -16.20 10.14 6.76
C ALA D 248 -16.84 10.66 5.48
N ALA D 249 -18.17 10.48 5.36
CA ALA D 249 -18.88 10.83 4.13
C ALA D 249 -20.08 11.72 4.42
N LEU D 250 -20.37 12.59 3.46
CA LEU D 250 -21.45 13.54 3.55
C LEU D 250 -22.22 13.52 2.23
N VAL D 251 -23.55 13.67 2.31
CA VAL D 251 -24.36 13.92 1.12
C VAL D 251 -24.53 15.43 0.98
N VAL D 252 -24.14 15.97 -0.18
CA VAL D 252 -24.17 17.41 -0.42
C VAL D 252 -24.85 17.68 -1.75
N PRO D 253 -25.37 18.90 -1.94
CA PRO D 253 -26.07 19.22 -3.20
C PRO D 253 -25.10 19.43 -4.36
N SER D 254 -25.48 18.90 -5.52
CA SER D 254 -24.63 19.00 -6.69
C SER D 254 -24.40 20.46 -7.04
N GLY D 255 -23.14 20.86 -7.13
CA GLY D 255 -22.77 22.24 -7.32
C GLY D 255 -22.28 22.95 -6.06
N GLU D 256 -22.50 22.36 -4.89
CA GLU D 256 -22.04 22.92 -3.63
C GLU D 256 -20.76 22.26 -3.10
N GLU D 257 -20.13 21.38 -3.89
CA GLU D 257 -19.01 20.57 -3.37
C GLU D 257 -17.89 21.44 -2.81
N GLN D 258 -17.58 22.56 -3.48
CA GLN D 258 -16.43 23.36 -3.08
C GLN D 258 -16.62 24.04 -1.74
N ARG D 259 -17.82 24.01 -1.17
CA ARG D 259 -18.06 24.66 0.11
C ARG D 259 -17.72 23.77 1.31
N TYR D 260 -17.40 22.50 1.10
CA TYR D 260 -17.15 21.58 2.19
C TYR D 260 -15.67 21.22 2.24
N THR D 261 -15.17 21.03 3.45
CA THR D 261 -13.78 20.68 3.66
C THR D 261 -13.72 19.49 4.59
N CYS D 262 -12.80 18.58 4.31
CA CYS D 262 -12.49 17.47 5.21
C CYS D 262 -11.28 17.84 6.06
N HIS D 263 -11.29 17.42 7.32
CA HIS D 263 -10.23 17.78 8.26
C HIS D 263 -9.72 16.52 8.95
N VAL D 264 -8.39 16.35 8.93
CA VAL D 264 -7.77 15.10 9.38
C VAL D 264 -6.70 15.44 10.39
N GLN D 265 -6.79 14.87 11.57
CA GLN D 265 -5.73 14.98 12.54
C GLN D 265 -5.23 13.59 12.90
N HIS D 266 -3.91 13.48 12.98
CA HIS D 266 -3.22 12.24 13.31
C HIS D 266 -1.84 12.60 13.79
N GLU D 267 -1.30 11.81 14.74
CA GLU D 267 -0.02 12.19 15.34
C GLU D 267 1.15 12.04 14.37
N GLY D 268 1.00 11.25 13.29
CA GLY D 268 2.03 11.22 12.27
C GLY D 268 2.06 12.43 11.35
N LEU D 269 1.03 13.28 11.39
CA LEU D 269 1.03 14.43 10.49
C LEU D 269 1.83 15.57 11.11
N PRO D 270 2.63 16.30 10.32
CA PRO D 270 3.24 17.52 10.87
C PRO D 270 2.21 18.53 11.28
N GLN D 271 1.16 18.71 10.48
CA GLN D 271 0.08 19.64 10.71
C GLN D 271 -1.24 18.95 10.38
N PRO D 272 -2.35 19.39 10.97
CA PRO D 272 -3.65 18.90 10.50
C PRO D 272 -3.84 19.20 9.03
N LEU D 273 -4.48 18.28 8.33
CA LEU D 273 -4.77 18.46 6.92
C LEU D 273 -6.16 19.05 6.72
N THR D 274 -6.31 19.79 5.62
CA THR D 274 -7.60 20.27 5.13
C THR D 274 -7.69 19.93 3.65
N LEU D 275 -8.71 19.14 3.26
CA LEU D 275 -8.91 18.74 1.87
C LEU D 275 -10.22 19.31 1.34
N ARG D 276 -10.22 19.60 0.04
CA ARG D 276 -11.38 20.18 -0.64
C ARG D 276 -11.47 19.59 -2.03
N TRP D 277 -12.67 19.21 -2.42
CA TRP D 277 -12.90 18.68 -3.76
C TRP D 277 -12.54 19.70 -4.85
N ILE E 1 -27.08 -10.78 27.79
CA ILE E 1 -25.92 -9.92 27.51
C ILE E 1 -25.27 -10.22 26.15
N GLN E 2 -26.05 -10.20 25.06
CA GLN E 2 -25.54 -10.54 23.75
C GLN E 2 -25.52 -9.30 22.85
N ARG E 3 -24.58 -9.26 21.91
CA ARG E 3 -24.42 -8.10 21.04
C ARG E 3 -24.21 -8.56 19.60
N THR E 4 -24.88 -7.87 18.69
CA THR E 4 -24.89 -8.14 17.26
C THR E 4 -23.64 -7.59 16.60
N PRO E 5 -23.04 -8.34 15.68
CA PRO E 5 -21.84 -7.83 15.00
C PRO E 5 -22.16 -6.65 14.11
N LYS E 6 -21.23 -5.71 14.08
CA LYS E 6 -21.07 -4.77 12.97
C LYS E 6 -20.19 -5.41 11.92
N ILE E 7 -20.40 -5.01 10.65
CA ILE E 7 -19.72 -5.62 9.51
C ILE E 7 -19.24 -4.51 8.58
N GLN E 8 -17.97 -4.59 8.16
CA GLN E 8 -17.45 -3.76 7.07
C GLN E 8 -16.69 -4.66 6.11
N VAL E 9 -16.95 -4.49 4.82
CA VAL E 9 -16.25 -5.23 3.77
C VAL E 9 -15.52 -4.24 2.90
N TYR E 10 -14.25 -4.51 2.61
CA TYR E 10 -13.40 -3.50 1.99
C TYR E 10 -12.10 -4.16 1.57
N SER E 11 -11.31 -3.44 0.77
CA SER E 11 -10.04 -3.94 0.31
C SER E 11 -8.89 -3.30 1.08
N ARG E 12 -7.79 -4.04 1.20
CA ARG E 12 -6.60 -3.49 1.85
C ARG E 12 -6.09 -2.25 1.13
N HIS E 13 -6.10 -2.27 -0.20
CA HIS E 13 -5.57 -1.20 -1.03
C HIS E 13 -6.68 -0.65 -1.91
N PRO E 14 -6.59 0.60 -2.35
CA PRO E 14 -7.59 1.12 -3.28
C PRO E 14 -7.64 0.24 -4.51
N ALA E 15 -8.86 -0.01 -5.00
CA ALA E 15 -9.09 -1.10 -5.95
C ALA E 15 -8.56 -0.72 -7.33
N GLU E 16 -7.78 -1.63 -7.92
CA GLU E 16 -7.33 -1.51 -9.30
C GLU E 16 -7.60 -2.82 -10.03
N ASN E 17 -8.46 -2.78 -11.03
CA ASN E 17 -8.84 -4.00 -11.75
C ASN E 17 -7.59 -4.66 -12.32
N GLY E 18 -7.44 -5.97 -12.08
CA GLY E 18 -6.27 -6.70 -12.53
C GLY E 18 -5.05 -6.60 -11.63
N LYS E 19 -5.11 -5.80 -10.57
CA LYS E 19 -4.03 -5.74 -9.58
C LYS E 19 -4.40 -6.59 -8.37
N SER E 20 -3.46 -7.42 -7.92
CA SER E 20 -3.69 -8.22 -6.73
C SER E 20 -3.90 -7.34 -5.52
N ASN E 21 -4.88 -7.71 -4.70
CA ASN E 21 -5.34 -6.94 -3.56
C ASN E 21 -5.69 -7.93 -2.45
N PHE E 22 -6.17 -7.41 -1.33
CA PHE E 22 -6.71 -8.23 -0.24
C PHE E 22 -8.12 -7.77 0.07
N LEU E 23 -9.04 -8.72 0.11
CA LEU E 23 -10.43 -8.43 0.44
C LEU E 23 -10.64 -8.74 1.92
N ASN E 24 -11.14 -7.75 2.65
CA ASN E 24 -11.31 -7.85 4.10
C ASN E 24 -12.78 -7.86 4.43
N CYS E 25 -13.15 -8.65 5.43
CA CYS E 25 -14.44 -8.47 6.10
C CYS E 25 -14.16 -8.36 7.59
N TYR E 26 -14.39 -7.17 8.15
CA TYR E 26 -14.11 -6.87 9.54
C TYR E 26 -15.42 -6.91 10.32
N VAL E 27 -15.51 -7.80 11.31
CA VAL E 27 -16.67 -7.90 12.17
C VAL E 27 -16.24 -7.54 13.59
N SER E 28 -17.08 -6.80 14.29
CA SER E 28 -16.69 -6.16 15.53
C SER E 28 -17.95 -5.89 16.35
N GLY E 29 -17.75 -5.61 17.63
CA GLY E 29 -18.87 -5.25 18.49
C GLY E 29 -19.76 -6.41 18.90
N PHE E 30 -19.36 -7.66 18.69
CA PHE E 30 -20.26 -8.76 18.97
C PHE E 30 -19.89 -9.49 20.27
N HIS E 31 -20.84 -10.29 20.77
CA HIS E 31 -20.73 -11.11 21.98
C HIS E 31 -21.93 -12.04 22.01
N PRO E 32 -21.73 -13.37 22.19
CA PRO E 32 -20.49 -14.10 22.45
C PRO E 32 -19.57 -14.27 21.25
N SER E 33 -18.47 -15.02 21.41
CA SER E 33 -17.38 -14.96 20.44
C SER E 33 -17.61 -15.83 19.21
N ASP E 34 -18.39 -16.91 19.33
CA ASP E 34 -18.66 -17.77 18.18
C ASP E 34 -19.38 -16.98 17.08
N ILE E 35 -18.86 -17.09 15.85
CA ILE E 35 -19.38 -16.31 14.73
C ILE E 35 -18.95 -17.02 13.45
N GLU E 36 -19.80 -16.96 12.43
CA GLU E 36 -19.52 -17.57 11.13
C GLU E 36 -19.35 -16.46 10.11
N VAL E 37 -18.19 -16.41 9.46
CA VAL E 37 -17.92 -15.41 8.44
C VAL E 37 -17.42 -16.12 7.19
N ASP E 38 -18.05 -15.82 6.05
CA ASP E 38 -17.59 -16.35 4.76
C ASP E 38 -17.43 -15.21 3.78
N LEU E 39 -16.37 -15.27 2.99
CA LEU E 39 -16.20 -14.39 1.85
C LEU E 39 -16.76 -15.07 0.60
N LEU E 40 -17.56 -14.34 -0.17
CA LEU E 40 -18.24 -14.88 -1.33
C LEU E 40 -17.69 -14.22 -2.59
N LYS E 41 -17.44 -15.04 -3.61
CA LYS E 41 -17.22 -14.56 -4.97
C LYS E 41 -18.41 -15.01 -5.80
N ASN E 42 -19.09 -14.04 -6.42
CA ASN E 42 -20.25 -14.30 -7.27
C ASN E 42 -21.27 -15.21 -6.57
N GLY E 43 -21.42 -15.03 -5.26
CA GLY E 43 -22.41 -15.77 -4.48
C GLY E 43 -21.93 -17.07 -3.90
N GLU E 44 -20.69 -17.47 -4.14
CA GLU E 44 -20.18 -18.75 -3.71
C GLU E 44 -19.02 -18.57 -2.73
N ARG E 45 -18.99 -19.41 -1.71
CA ARG E 45 -17.97 -19.31 -0.68
C ARG E 45 -16.57 -19.42 -1.26
N ILE E 46 -15.69 -18.49 -0.88
CA ILE E 46 -14.27 -18.56 -1.19
C ILE E 46 -13.58 -19.49 -0.22
N GLU E 47 -12.62 -20.25 -0.72
CA GLU E 47 -12.04 -21.39 -0.02
C GLU E 47 -10.91 -20.97 0.91
N LYS E 48 -9.89 -20.32 0.39
CA LYS E 48 -8.71 -19.92 1.17
C LYS E 48 -9.00 -18.57 1.82
N VAL E 49 -9.74 -18.62 2.94
CA VAL E 49 -10.04 -17.45 3.75
C VAL E 49 -9.39 -17.64 5.12
N GLU E 50 -8.64 -16.64 5.57
CA GLU E 50 -7.98 -16.62 6.86
C GLU E 50 -8.58 -15.53 7.73
N HIS E 51 -8.27 -15.57 9.04
CA HIS E 51 -8.80 -14.59 9.96
C HIS E 51 -7.80 -14.32 11.07
N SER E 52 -7.93 -13.13 11.67
CA SER E 52 -7.09 -12.72 12.79
C SER E 52 -7.43 -13.52 14.04
N ASP E 53 -6.52 -13.48 15.00
CA ASP E 53 -6.80 -14.12 16.28
C ASP E 53 -7.85 -13.33 17.06
N LEU E 54 -8.66 -14.06 17.82
CA LEU E 54 -9.76 -13.48 18.57
C LEU E 54 -9.26 -12.46 19.58
N SER E 55 -9.83 -11.25 19.52
CA SER E 55 -9.50 -10.20 20.47
C SER E 55 -10.76 -9.43 20.80
N PHE E 56 -10.65 -8.44 21.68
CA PHE E 56 -11.83 -7.70 22.10
C PHE E 56 -11.47 -6.30 22.58
N SER E 57 -12.49 -5.46 22.65
CA SER E 57 -12.40 -4.05 22.95
C SER E 57 -12.71 -3.76 24.41
N LYS E 58 -12.64 -2.46 24.75
CA LYS E 58 -12.82 -2.01 26.12
C LYS E 58 -14.18 -2.38 26.67
N ASP E 59 -15.21 -2.51 25.82
CA ASP E 59 -16.51 -2.90 26.34
C ASP E 59 -16.68 -4.42 26.36
N TRP E 60 -15.59 -5.16 26.17
CA TRP E 60 -15.54 -6.62 26.15
C TRP E 60 -16.09 -7.23 24.86
N SER E 61 -16.53 -6.44 23.89
CA SER E 61 -17.04 -7.00 22.64
C SER E 61 -15.89 -7.42 21.72
N PHE E 62 -16.11 -8.48 20.97
CA PHE E 62 -15.07 -9.13 20.16
C PHE E 62 -14.95 -8.47 18.78
N TYR E 63 -13.77 -8.63 18.18
CA TYR E 63 -13.57 -8.26 16.78
C TYR E 63 -12.65 -9.26 16.10
N LEU E 64 -12.85 -9.45 14.79
CA LEU E 64 -12.07 -10.34 13.96
C LEU E 64 -11.98 -9.76 12.57
N LEU E 65 -10.82 -9.93 11.92
CA LEU E 65 -10.65 -9.60 10.51
C LEU E 65 -10.54 -10.89 9.71
N TYR E 66 -11.49 -11.13 8.80
CA TYR E 66 -11.38 -12.20 7.81
C TYR E 66 -10.86 -11.62 6.49
N TYR E 67 -9.96 -12.36 5.83
CA TYR E 67 -9.29 -11.80 4.65
C TYR E 67 -8.86 -12.90 3.69
N THR E 68 -8.85 -12.55 2.40
CA THR E 68 -8.33 -13.42 1.36
C THR E 68 -7.74 -12.58 0.24
N GLU E 69 -6.66 -13.09 -0.33
CA GLU E 69 -6.08 -12.53 -1.53
C GLU E 69 -7.10 -12.54 -2.66
N PHE E 70 -7.15 -11.45 -3.42
CA PHE E 70 -7.99 -11.42 -4.61
C PHE E 70 -7.45 -10.36 -5.56
N THR E 71 -7.93 -10.43 -6.80
CA THR E 71 -7.65 -9.40 -7.81
C THR E 71 -8.98 -8.98 -8.38
N PRO E 72 -9.46 -7.78 -8.05
CA PRO E 72 -10.80 -7.37 -8.51
C PRO E 72 -10.84 -7.16 -10.01
N THR E 73 -12.05 -7.25 -10.55
CA THR E 73 -12.34 -7.01 -11.95
C THR E 73 -13.53 -6.09 -12.03
N GLU E 74 -13.93 -5.77 -13.26
CA GLU E 74 -15.08 -4.90 -13.44
C GLU E 74 -16.39 -5.63 -13.12
N LYS E 75 -16.44 -6.95 -13.31
CA LYS E 75 -17.68 -7.70 -13.27
C LYS E 75 -17.86 -8.57 -12.02
N ASP E 76 -16.78 -8.95 -11.35
CA ASP E 76 -16.88 -9.91 -10.25
C ASP E 76 -17.48 -9.24 -9.02
N GLU E 77 -18.51 -9.88 -8.47
CA GLU E 77 -19.19 -9.41 -7.26
C GLU E 77 -18.64 -10.15 -6.05
N TYR E 78 -18.14 -9.40 -5.07
CA TYR E 78 -17.73 -9.98 -3.80
C TYR E 78 -18.64 -9.52 -2.67
N ALA E 79 -18.78 -10.38 -1.68
CA ALA E 79 -19.58 -10.07 -0.51
C ALA E 79 -19.03 -10.85 0.68
N CYS E 80 -19.47 -10.45 1.85
CA CYS E 80 -19.15 -11.13 3.09
C CYS E 80 -20.46 -11.53 3.75
N ARG E 81 -20.52 -12.76 4.25
CA ARG E 81 -21.73 -13.30 4.86
C ARG E 81 -21.46 -13.68 6.31
N VAL E 82 -22.33 -13.24 7.21
CA VAL E 82 -22.05 -13.31 8.65
C VAL E 82 -23.23 -13.93 9.37
N ASN E 83 -22.95 -14.95 10.17
CA ASN E 83 -23.99 -15.48 11.04
C ASN E 83 -23.48 -15.45 12.47
N HIS E 84 -24.42 -15.33 13.39
CA HIS E 84 -24.15 -15.12 14.80
C HIS E 84 -25.45 -15.43 15.53
N VAL E 85 -25.34 -15.82 16.79
CA VAL E 85 -26.53 -16.21 17.53
C VAL E 85 -27.53 -15.05 17.63
N THR E 86 -27.04 -13.80 17.61
CA THR E 86 -27.93 -12.63 17.65
C THR E 86 -28.67 -12.40 16.34
N LEU E 87 -28.27 -13.06 15.26
CA LEU E 87 -28.83 -12.81 13.95
C LEU E 87 -29.80 -13.93 13.62
N SER E 88 -31.10 -13.61 13.56
CA SER E 88 -32.10 -14.59 13.17
C SER E 88 -31.84 -15.11 11.77
N GLN E 89 -31.51 -14.20 10.85
CA GLN E 89 -31.02 -14.63 9.57
C GLN E 89 -29.64 -14.04 9.34
N PRO E 90 -28.80 -14.73 8.58
CA PRO E 90 -27.46 -14.20 8.30
C PRO E 90 -27.51 -12.91 7.50
N LYS E 91 -26.52 -12.05 7.74
CA LYS E 91 -26.38 -10.81 7.00
C LYS E 91 -25.37 -11.00 5.89
N ILE E 92 -25.68 -10.45 4.71
CA ILE E 92 -24.75 -10.40 3.60
C ILE E 92 -24.52 -8.94 3.28
N VAL E 93 -23.25 -8.55 3.24
CA VAL E 93 -22.84 -7.19 2.92
C VAL E 93 -21.97 -7.28 1.69
N LYS E 94 -22.36 -6.56 0.64
CA LYS E 94 -21.63 -6.60 -0.62
C LYS E 94 -20.38 -5.71 -0.57
N TRP E 95 -19.32 -6.15 -1.24
CA TRP E 95 -18.14 -5.30 -1.40
C TRP E 95 -18.44 -4.16 -2.37
N ASP E 96 -18.19 -2.94 -1.93
CA ASP E 96 -18.31 -1.75 -2.76
C ASP E 96 -16.92 -1.12 -2.86
N ARG E 97 -16.45 -0.95 -4.10
CA ARG E 97 -15.15 -0.34 -4.36
C ARG E 97 -15.00 1.00 -3.64
N ASP E 98 -16.08 1.77 -3.55
CA ASP E 98 -16.03 3.13 -3.02
C ASP E 98 -16.25 3.20 -1.51
N MET E 99 -16.24 2.07 -0.82
CA MET E 99 -16.32 2.05 0.62
C MET E 99 -15.26 1.14 1.25
N ASP F 1 5.90 -11.67 28.10
CA ASP F 1 5.67 -12.66 29.14
C ASP F 1 4.21 -12.72 29.65
N PHE F 2 3.48 -13.77 29.27
CA PHE F 2 2.25 -14.12 29.96
C PHE F 2 2.49 -14.18 31.46
N GLN F 3 1.51 -13.74 32.24
CA GLN F 3 1.62 -13.84 33.69
C GLN F 3 1.49 -15.31 34.11
N GLU F 4 2.26 -15.70 35.13
CA GLU F 4 2.13 -17.04 35.66
C GLU F 4 0.70 -17.29 36.11
N SER F 5 0.31 -18.57 36.11
CA SER F 5 -1.05 -18.95 36.51
C SER F 5 -1.05 -20.33 37.18
N ALA F 6 -0.33 -20.44 38.30
CA ALA F 6 -0.26 -21.70 39.02
C ALA F 6 -1.65 -22.23 39.36
N ASP F 7 -1.92 -23.46 38.96
CA ASP F 7 -3.21 -24.11 39.21
C ASP F 7 -4.39 -23.22 38.78
N SER F 8 -5.39 -23.13 39.65
CA SER F 8 -6.58 -22.32 39.35
C SER F 8 -6.87 -21.34 40.49
N PHE F 9 -7.67 -20.32 40.19
CA PHE F 9 -8.03 -19.31 41.19
C PHE F 9 -9.19 -18.44 40.71
N LEU F 10 -10.38 -19.01 40.73
CA LEU F 10 -11.57 -18.29 40.30
C LEU F 10 -12.82 -18.76 41.05
#